data_9G5A
#
_entry.id   9G5A
#
_cell.length_a   55.370
_cell.length_b   137.500
_cell.length_c   143.660
_cell.angle_alpha   90.00
_cell.angle_beta   90.00
_cell.angle_gamma   90.00
#
_symmetry.space_group_name_H-M   'P 21 21 21'
#
loop_
_entity.id
_entity.type
_entity.pdbx_description
1 polymer 'UDP-N-acetylglucosamine diphosphorylase'
2 polymer 'UDP-N-acetylglucosamine diphosphorylase'
3 non-polymer 4-bromanyl-2-methyl-pyrazol-3-amine
4 non-polymer 2-acetamido-2-deoxy-1-O-phosphono-alpha-D-glucopyranose
5 water water
#
loop_
_entity_poly.entity_id
_entity_poly.type
_entity_poly.pdbx_seq_one_letter_code
_entity_poly.pdbx_strand_id
1 'polypeptide(L)'
;GPSAEEFQQLRKKYTDAGQGHVFAFVDELQTGERSQLFHQLSSFDPVRINELADKALNPPKADDGPASLEPLPDIATASI
LDSDPKDLEQWYEEGLKLVAGNKVAVVLMAGGQGTRLGSSAPKGCFDIGLPSHKSLFQIQAERIAKLQLLAQRISGKEAV
IPWYVMTSGPTRKPTEEFFEQHKYFGLNKSDVIIFEQGVLPCISNEGKILMESKFKVAVAPDGNGGIYQALLTSGVREDM
RKRGIEHIHTY(YCM)VDNCLVKVADPVFIGFAASKQVDIATKVVRKRNATESVGLILQKNGKPDVVEYSEIDKETAEAK
DPKQPDVLKFRAANIVNHYYSFKFFESIELWAHKLPHHVARKKIPCIKEGTGEFFKPEKPNGIKLEQFVFDVFPMTPLEK
FACIEVRREDEFSPLKNARGTGEDDPDTSKRDIMSQGQRWIEKAGGIVITEGDVVGVEVSPLISYGGEGLEFLKGREIKA
PAFIEKEE
;
B
2 'polypeptide(L)'
;GPSAEEFQQLRKKYTDAGQGHVFAFVDELQTGERSQLFHQLSSFDPVRINELADKALNPPKADDGPASLEPLPDIATASI
LDSDPKDLEQWYEEGLKLVAGNKVAVVLMAGGQGTRLGSSAPKGCFDIGLPSHKSLFQIQAERIAKLQLLAQRISGKEAV
IPWYVMTSGPTRKPTEEFFEQHKYFGLNKSDVIIFEQGVLPCISNEGKILMESKFKVAVAPDGNGGIYQALLTSGVREDM
RKRGIEHIHTYCVDNCLVKVADPVFIGFAASKQVDIATKVVRKRNATESVGLILQKNGKPDVVEYSEIDKETAEAKDPKQ
PDVLKFRAANIVNHYYSFKFFESIELWAHKLPHHVARKKIPCIKEGTGEFFKPEKPNGIKLEQFVFDVFPMTPLEKFACI
EVRREDEFSPLKNARGTGEDDPDTSKRDIMSQGQRWIEKAGGIVITEGDVVGVEVSPLISYGGEGLEFLKGREIKAPAFI
EKEE
;
A
#
# COMPACT_ATOMS: atom_id res chain seq x y z
N GLY A 1 14.60 -20.43 -4.87
CA GLY A 1 14.70 -21.88 -4.64
C GLY A 1 14.61 -22.24 -3.15
N PRO A 2 13.38 -22.45 -2.61
CA PRO A 2 13.22 -22.91 -1.22
C PRO A 2 13.23 -24.44 -1.10
N SER A 3 14.39 -25.03 -1.42
CA SER A 3 14.58 -26.47 -1.52
C SER A 3 13.73 -27.04 -2.66
N ALA A 4 14.08 -28.27 -3.09
CA ALA A 4 13.33 -28.99 -4.12
C ALA A 4 12.61 -30.18 -3.50
N GLU A 5 13.22 -30.78 -2.47
CA GLU A 5 12.64 -31.94 -1.80
C GLU A 5 11.54 -31.50 -0.83
N GLU A 6 11.62 -30.25 -0.35
CA GLU A 6 10.56 -29.67 0.47
C GLU A 6 9.36 -29.33 -0.43
N PHE A 7 9.65 -28.90 -1.66
CA PHE A 7 8.61 -28.59 -2.64
C PHE A 7 7.85 -29.87 -2.95
N GLN A 8 8.56 -31.01 -2.91
CA GLN A 8 7.98 -32.31 -3.20
C GLN A 8 7.01 -32.73 -2.10
N GLN A 9 7.46 -32.73 -0.84
CA GLN A 9 6.61 -33.11 0.29
C GLN A 9 5.36 -32.21 0.40
N LEU A 10 5.50 -30.93 0.03
CA LEU A 10 4.36 -30.03 0.07
C LEU A 10 3.35 -30.45 -1.02
N ARG A 11 3.87 -30.85 -2.18
CA ARG A 11 3.06 -31.24 -3.33
C ARG A 11 2.25 -32.49 -3.02
N LYS A 12 2.87 -33.41 -2.26
CA LYS A 12 2.20 -34.63 -1.86
C LYS A 12 0.98 -34.27 -1.00
N LYS A 13 1.19 -33.38 -0.02
CA LYS A 13 0.17 -33.04 0.94
C LYS A 13 -1.08 -32.51 0.24
N TYR A 14 -0.85 -31.63 -0.73
CA TYR A 14 -1.93 -30.97 -1.47
C TYR A 14 -2.59 -31.95 -2.42
N THR A 15 -1.79 -32.78 -3.11
CA THR A 15 -2.33 -33.77 -4.05
C THR A 15 -3.14 -34.82 -3.28
N ASP A 16 -2.59 -35.37 -2.17
CA ASP A 16 -3.32 -36.30 -1.30
C ASP A 16 -4.65 -35.69 -0.84
N ALA A 17 -4.69 -34.36 -0.64
CA ALA A 17 -5.87 -33.67 -0.13
C ALA A 17 -6.84 -33.33 -1.27
N GLY A 18 -6.44 -33.63 -2.50
CA GLY A 18 -7.27 -33.38 -3.67
C GLY A 18 -7.17 -31.93 -4.12
N GLN A 19 -6.01 -31.31 -3.90
CA GLN A 19 -5.85 -29.90 -4.22
C GLN A 19 -4.56 -29.74 -5.01
N GLY A 20 -4.21 -30.76 -5.82
CA GLY A 20 -2.95 -30.77 -6.56
C GLY A 20 -2.91 -29.77 -7.71
N HIS A 21 -4.10 -29.35 -8.16
CA HIS A 21 -4.23 -28.37 -9.22
C HIS A 21 -3.56 -27.01 -8.91
N VAL A 22 -3.24 -26.71 -7.64
CA VAL A 22 -2.53 -25.47 -7.33
C VAL A 22 -1.12 -25.50 -7.91
N PHE A 23 -0.63 -26.69 -8.31
CA PHE A 23 0.68 -26.80 -8.92
C PHE A 23 0.61 -26.93 -10.45
N ALA A 24 -0.56 -26.73 -11.06
CA ALA A 24 -0.75 -27.11 -12.46
C ALA A 24 0.15 -26.29 -13.37
N PHE A 25 0.70 -25.19 -12.86
CA PHE A 25 1.32 -24.21 -13.73
C PHE A 25 2.77 -24.00 -13.33
N VAL A 26 3.29 -24.85 -12.44
CA VAL A 26 4.59 -24.68 -11.80
C VAL A 26 5.73 -24.72 -12.81
N ASP A 27 5.58 -25.53 -13.87
CA ASP A 27 6.71 -25.79 -14.77
C ASP A 27 6.91 -24.63 -15.75
N GLU A 28 6.05 -23.59 -15.70
CA GLU A 28 6.22 -22.41 -16.55
C GLU A 28 6.45 -21.15 -15.72
N LEU A 29 6.90 -21.31 -14.46
CA LEU A 29 7.00 -20.21 -13.51
C LEU A 29 8.45 -19.76 -13.36
N GLN A 30 8.64 -18.45 -13.15
CA GLN A 30 9.91 -17.88 -12.69
C GLN A 30 10.25 -18.47 -11.31
N THR A 31 11.50 -18.29 -10.88
CA THR A 31 11.97 -18.79 -9.59
C THR A 31 11.34 -18.00 -8.44
N GLY A 32 11.13 -16.69 -8.66
CA GLY A 32 10.44 -15.84 -7.70
C GLY A 32 9.00 -16.28 -7.46
N GLU A 33 8.28 -16.53 -8.57
CA GLU A 33 6.86 -16.83 -8.53
C GLU A 33 6.62 -18.24 -7.96
N ARG A 34 7.59 -19.14 -8.19
CA ARG A 34 7.59 -20.47 -7.58
C ARG A 34 7.70 -20.33 -6.06
N SER A 35 8.65 -19.50 -5.60
CA SER A 35 8.92 -19.33 -4.18
C SER A 35 7.71 -18.70 -3.48
N GLN A 36 6.97 -17.84 -4.20
CA GLN A 36 5.77 -17.24 -3.66
C GLN A 36 4.73 -18.34 -3.35
N LEU A 37 4.41 -19.17 -4.34
CA LEU A 37 3.45 -20.24 -4.22
C LEU A 37 3.86 -21.22 -3.11
N PHE A 38 5.15 -21.58 -3.05
CA PHE A 38 5.57 -22.55 -2.05
C PHE A 38 5.27 -22.01 -0.64
N HIS A 39 5.63 -20.74 -0.40
CA HIS A 39 5.57 -20.16 0.93
C HIS A 39 4.12 -20.00 1.36
N GLN A 40 3.27 -19.54 0.45
CA GLN A 40 1.87 -19.29 0.74
C GLN A 40 1.07 -20.60 0.89
N LEU A 41 1.45 -21.66 0.15
CA LEU A 41 0.76 -22.93 0.27
C LEU A 41 1.15 -23.58 1.60
N SER A 42 2.42 -23.37 2.00
CA SER A 42 2.96 -23.87 3.26
C SER A 42 2.26 -23.25 4.48
N SER A 43 1.62 -22.08 4.30
CA SER A 43 0.93 -21.41 5.38
C SER A 43 -0.49 -21.95 5.57
N PHE A 44 -0.97 -22.82 4.65
CA PHE A 44 -2.28 -23.44 4.79
C PHE A 44 -2.14 -24.96 4.90
N ASP A 45 -2.94 -25.56 5.80
CA ASP A 45 -3.06 -27.00 5.91
C ASP A 45 -4.23 -27.44 5.03
N PRO A 46 -3.97 -28.13 3.89
CA PRO A 46 -5.02 -28.41 2.92
C PRO A 46 -6.14 -29.31 3.43
N VAL A 47 -5.82 -30.14 4.43
CA VAL A 47 -6.80 -31.00 5.08
C VAL A 47 -7.80 -30.16 5.87
N ARG A 48 -7.28 -29.15 6.58
CA ARG A 48 -8.10 -28.22 7.32
C ARG A 48 -8.96 -27.41 6.35
N ILE A 49 -8.40 -27.05 5.19
CA ILE A 49 -9.15 -26.32 4.18
C ILE A 49 -10.32 -27.19 3.66
N ASN A 50 -10.10 -28.50 3.50
CA ASN A 50 -11.13 -29.43 3.05
C ASN A 50 -12.23 -29.50 4.09
N GLU A 51 -11.84 -29.63 5.36
CA GLU A 51 -12.79 -29.68 6.46
C GLU A 51 -13.69 -28.46 6.41
N LEU A 52 -13.11 -27.26 6.25
CA LEU A 52 -13.91 -26.03 6.24
C LEU A 52 -14.80 -26.01 5.01
N ALA A 53 -14.25 -26.44 3.87
CA ALA A 53 -15.00 -26.41 2.62
C ALA A 53 -16.18 -27.37 2.74
N ASP A 54 -15.95 -28.51 3.41
CA ASP A 54 -16.96 -29.53 3.55
C ASP A 54 -18.12 -29.01 4.41
N LYS A 55 -17.84 -28.39 5.56
CA LYS A 55 -18.86 -27.83 6.42
C LYS A 55 -19.61 -26.69 5.72
N ALA A 56 -18.88 -25.84 4.99
CA ALA A 56 -19.47 -24.73 4.28
C ALA A 56 -20.38 -25.20 3.14
N LEU A 57 -19.97 -26.25 2.40
CA LEU A 57 -20.63 -26.57 1.14
C LEU A 57 -21.62 -27.71 1.30
N ASN A 58 -21.34 -28.65 2.22
CA ASN A 58 -22.19 -29.80 2.48
C ASN A 58 -22.66 -29.69 3.93
N PRO A 59 -23.32 -28.58 4.36
CA PRO A 59 -23.50 -28.27 5.78
C PRO A 59 -24.62 -29.07 6.46
N PRO A 60 -24.51 -29.32 7.79
CA PRO A 60 -25.61 -29.89 8.56
C PRO A 60 -26.53 -28.80 9.14
N ALA A 67 -34.65 -23.86 17.67
CA ALA A 67 -33.97 -22.98 18.65
C ALA A 67 -35.00 -22.27 19.53
N SER A 68 -34.79 -22.33 20.85
CA SER A 68 -35.43 -21.43 21.81
C SER A 68 -34.81 -20.02 21.61
N LEU A 69 -35.70 -19.04 21.34
CA LEU A 69 -35.33 -17.76 20.75
C LEU A 69 -36.18 -16.63 21.33
N GLU A 70 -35.60 -15.86 22.26
CA GLU A 70 -36.33 -14.87 23.04
C GLU A 70 -35.48 -13.60 23.16
N PRO A 71 -36.08 -12.44 23.48
CA PRO A 71 -35.28 -11.27 23.81
C PRO A 71 -34.44 -11.52 25.06
N LEU A 72 -33.38 -10.73 25.20
CA LEU A 72 -32.55 -10.76 26.39
C LEU A 72 -33.41 -10.49 27.62
N PRO A 73 -33.23 -11.23 28.72
CA PRO A 73 -33.96 -10.92 29.96
C PRO A 73 -33.53 -9.56 30.53
N ASP A 74 -34.42 -9.00 31.33
CA ASP A 74 -34.24 -7.68 31.94
C ASP A 74 -32.93 -7.62 32.77
N ILE A 75 -32.50 -8.74 33.37
CA ILE A 75 -31.29 -8.76 34.21
C ILE A 75 -30.08 -8.30 33.41
N ALA A 76 -29.98 -8.69 32.14
CA ALA A 76 -28.77 -8.48 31.35
C ALA A 76 -28.81 -7.18 30.56
N THR A 77 -29.87 -6.35 30.74
CA THR A 77 -30.15 -5.22 29.87
C THR A 77 -30.29 -3.92 30.68
N ALA A 78 -30.00 -2.80 29.99
CA ALA A 78 -30.00 -1.44 30.51
C ALA A 78 -30.28 -0.50 29.36
N SER A 79 -30.55 0.76 29.69
CA SER A 79 -30.85 1.73 28.65
C SER A 79 -30.43 3.13 29.10
N ILE A 80 -29.69 3.85 28.25
CA ILE A 80 -29.44 5.26 28.43
C ILE A 80 -30.77 6.02 28.50
N LEU A 81 -31.83 5.46 27.89
CA LEU A 81 -33.10 6.17 27.76
C LEU A 81 -33.88 6.17 29.07
N ASP A 82 -33.75 5.12 29.91
CA ASP A 82 -34.54 5.09 31.13
C ASP A 82 -33.74 4.58 32.33
N SER A 83 -32.41 4.69 32.30
CA SER A 83 -31.63 4.40 33.49
C SER A 83 -31.72 5.57 34.47
N ASP A 84 -31.69 5.21 35.75
CA ASP A 84 -31.72 6.16 36.84
C ASP A 84 -30.53 7.09 36.61
N PRO A 85 -30.75 8.42 36.54
CA PRO A 85 -29.69 9.39 36.30
C PRO A 85 -28.49 9.37 37.25
N LYS A 86 -28.74 8.90 38.48
CA LYS A 86 -27.70 8.62 39.45
C LYS A 86 -26.77 7.52 38.93
N ASP A 87 -27.32 6.48 38.29
CA ASP A 87 -26.50 5.44 37.66
C ASP A 87 -25.70 5.97 36.46
N LEU A 88 -26.32 6.81 35.60
CA LEU A 88 -25.65 7.37 34.44
C LEU A 88 -24.48 8.24 34.86
N GLU A 89 -24.69 9.07 35.86
CA GLU A 89 -23.60 9.90 36.36
C GLU A 89 -22.53 9.03 37.01
N GLN A 90 -22.93 7.97 37.74
CA GLN A 90 -21.94 7.16 38.42
C GLN A 90 -21.13 6.38 37.39
N TRP A 91 -21.78 5.88 36.34
CA TRP A 91 -21.06 5.11 35.34
C TRP A 91 -20.12 6.00 34.56
N TYR A 92 -20.58 7.22 34.29
CA TYR A 92 -19.77 8.19 33.58
C TYR A 92 -18.50 8.47 34.38
N GLU A 93 -18.68 8.75 35.68
CA GLU A 93 -17.55 9.17 36.49
C GLU A 93 -16.56 8.01 36.59
N GLU A 94 -17.06 6.80 36.84
CA GLU A 94 -16.18 5.64 36.97
C GLU A 94 -15.49 5.35 35.64
N GLY A 95 -16.24 5.30 34.53
CA GLY A 95 -15.60 5.21 33.21
C GLY A 95 -14.41 6.15 33.05
N LEU A 96 -14.63 7.45 33.37
CA LEU A 96 -13.62 8.49 33.19
C LEU A 96 -12.45 8.26 34.13
N LYS A 97 -12.75 7.77 35.35
CA LYS A 97 -11.71 7.37 36.28
C LYS A 97 -10.80 6.32 35.65
N LEU A 98 -11.40 5.33 34.95
CA LEU A 98 -10.65 4.21 34.38
C LEU A 98 -9.78 4.73 33.22
N VAL A 99 -10.31 5.65 32.45
CA VAL A 99 -9.48 6.25 31.42
C VAL A 99 -8.31 6.94 32.12
N ALA A 100 -8.60 7.72 33.18
CA ALA A 100 -7.56 8.52 33.81
C ALA A 100 -6.56 7.59 34.50
N GLY A 101 -6.99 6.38 34.85
CA GLY A 101 -6.06 5.38 35.34
C GLY A 101 -5.21 4.68 34.30
N ASN A 102 -5.24 5.14 33.02
CA ASN A 102 -4.58 4.47 31.91
C ASN A 102 -5.00 2.99 31.77
N LYS A 103 -6.27 2.64 32.08
CA LYS A 103 -6.69 1.23 32.05
C LYS A 103 -7.57 0.89 30.83
N VAL A 104 -7.77 1.88 29.95
CA VAL A 104 -8.71 1.72 28.86
C VAL A 104 -7.96 1.75 27.52
N ALA A 105 -8.19 0.72 26.70
CA ALA A 105 -7.68 0.57 25.36
C ALA A 105 -8.86 0.51 24.38
N VAL A 106 -8.58 0.94 23.14
CA VAL A 106 -9.53 0.87 22.04
C VAL A 106 -8.95 -0.06 20.96
N VAL A 107 -9.79 -0.91 20.37
CA VAL A 107 -9.50 -1.64 19.16
C VAL A 107 -10.52 -1.22 18.09
N LEU A 108 -9.96 -0.67 17.03
CA LEU A 108 -10.71 -0.25 15.88
C LEU A 108 -10.67 -1.35 14.84
N MET A 109 -11.85 -1.87 14.50
CA MET A 109 -11.94 -2.84 13.41
C MET A 109 -12.08 -2.14 12.06
N ALA A 110 -11.00 -2.18 11.28
CA ALA A 110 -10.87 -1.39 10.05
C ALA A 110 -10.20 -2.23 8.96
N GLY A 111 -10.48 -3.54 8.98
CA GLY A 111 -10.01 -4.48 7.98
C GLY A 111 -11.02 -4.69 6.85
N GLY A 112 -12.12 -3.91 6.89
CA GLY A 112 -13.16 -4.00 5.88
C GLY A 112 -12.70 -3.45 4.53
N GLN A 113 -13.33 -3.98 3.45
CA GLN A 113 -13.03 -3.62 2.07
C GLN A 113 -13.89 -2.44 1.61
N GLY A 114 -15.11 -2.32 2.19
CA GLY A 114 -16.06 -1.29 1.80
C GLY A 114 -16.67 -1.57 0.43
N THR A 115 -17.18 -2.80 0.24
CA THR A 115 -17.57 -3.31 -1.07
C THR A 115 -18.80 -2.58 -1.58
N ARG A 116 -19.68 -2.16 -0.66
CA ARG A 116 -20.87 -1.37 -0.99
C ARG A 116 -20.51 0.11 -1.21
N LEU A 117 -19.37 0.54 -0.68
CA LEU A 117 -18.95 1.94 -0.81
C LEU A 117 -18.10 2.15 -2.05
N GLY A 118 -17.38 1.09 -2.49
CA GLY A 118 -16.59 1.10 -3.71
C GLY A 118 -15.55 2.22 -3.72
N SER A 119 -14.90 2.47 -2.58
CA SER A 119 -13.82 3.45 -2.52
C SER A 119 -12.52 2.75 -2.94
N SER A 120 -11.54 3.49 -3.50
CA SER A 120 -10.22 2.90 -3.74
C SER A 120 -9.40 2.82 -2.44
N ALA A 121 -9.73 3.67 -1.46
CA ALA A 121 -8.98 3.78 -0.22
C ALA A 121 -9.73 3.15 0.96
N PRO A 122 -9.02 2.75 2.05
CA PRO A 122 -9.67 2.29 3.27
C PRO A 122 -10.88 3.14 3.64
N LYS A 123 -11.88 2.49 4.23
CA LYS A 123 -13.08 3.21 4.59
C LYS A 123 -12.78 4.33 5.60
N GLY A 124 -11.89 4.11 6.58
CA GLY A 124 -11.58 5.18 7.54
C GLY A 124 -10.99 6.48 6.94
N CYS A 125 -10.36 6.42 5.76
CA CYS A 125 -9.88 7.61 5.07
C CYS A 125 -10.98 8.48 4.47
N PHE A 126 -12.20 7.95 4.38
CA PHE A 126 -13.22 8.60 3.56
C PHE A 126 -13.63 9.94 4.19
N ASP A 127 -13.82 10.95 3.32
CA ASP A 127 -14.20 12.31 3.67
C ASP A 127 -15.67 12.48 3.32
N ILE A 128 -16.55 12.57 4.34
CA ILE A 128 -18.00 12.52 4.10
C ILE A 128 -18.51 13.92 3.71
N GLY A 129 -17.59 14.87 3.51
CA GLY A 129 -17.96 16.19 3.00
C GLY A 129 -18.29 17.17 4.11
N LEU A 130 -17.84 16.88 5.35
CA LEU A 130 -17.94 17.85 6.44
C LEU A 130 -17.19 19.11 6.02
N PRO A 131 -17.53 20.30 6.56
CA PRO A 131 -16.75 21.53 6.31
C PRO A 131 -15.28 21.39 6.65
N SER A 132 -14.93 20.52 7.61
CA SER A 132 -13.54 20.29 7.98
C SER A 132 -12.82 19.41 6.96
N HIS A 133 -13.61 18.63 6.21
CA HIS A 133 -13.13 17.55 5.35
C HIS A 133 -12.25 16.56 6.11
N LYS A 134 -12.55 16.31 7.39
CA LYS A 134 -11.86 15.29 8.17
C LYS A 134 -12.37 13.89 7.85
N SER A 135 -11.42 12.94 7.84
CA SER A 135 -11.68 11.53 7.59
C SER A 135 -12.35 10.93 8.82
N LEU A 136 -13.03 9.79 8.65
CA LEU A 136 -13.54 9.07 9.81
C LEU A 136 -12.46 8.80 10.85
N PHE A 137 -11.28 8.37 10.39
CA PHE A 137 -10.18 8.06 11.29
C PHE A 137 -9.87 9.27 12.18
N GLN A 138 -9.70 10.43 11.56
CA GLN A 138 -9.31 11.64 12.25
C GLN A 138 -10.38 11.98 13.29
N ILE A 139 -11.64 11.90 12.89
CA ILE A 139 -12.70 12.24 13.84
C ILE A 139 -12.54 11.39 15.09
N GLN A 140 -12.12 10.15 14.88
CA GLN A 140 -12.14 9.14 15.96
C GLN A 140 -10.93 9.40 16.83
N ALA A 141 -9.80 9.74 16.20
CA ALA A 141 -8.58 10.10 16.90
C ALA A 141 -8.78 11.33 17.79
N GLU A 142 -9.54 12.30 17.30
CA GLU A 142 -9.81 13.51 18.06
C GLU A 142 -10.71 13.20 19.25
N ARG A 143 -11.66 12.26 19.11
CA ARG A 143 -12.50 11.83 20.23
C ARG A 143 -11.62 11.21 21.30
N ILE A 144 -10.65 10.39 20.89
CA ILE A 144 -9.68 9.84 21.83
C ILE A 144 -8.87 10.99 22.47
N ALA A 145 -8.39 11.94 21.66
CA ALA A 145 -7.63 13.09 22.13
C ALA A 145 -8.44 13.87 23.16
N LYS A 146 -9.67 14.21 22.78
CA LYS A 146 -10.55 14.93 23.69
C LYS A 146 -10.78 14.12 24.98
N LEU A 147 -11.09 12.82 24.87
CA LEU A 147 -11.39 12.08 26.09
C LEU A 147 -10.20 12.07 27.05
N GLN A 148 -9.00 11.96 26.49
CA GLN A 148 -7.79 11.97 27.31
C GLN A 148 -7.73 13.28 28.12
N LEU A 149 -8.08 14.42 27.46
CA LEU A 149 -8.08 15.72 28.13
C LEU A 149 -9.12 15.79 29.24
N LEU A 150 -10.36 15.37 28.93
CA LEU A 150 -11.41 15.28 29.94
C LEU A 150 -11.01 14.48 31.18
N ALA A 151 -10.36 13.32 30.98
CA ALA A 151 -9.92 12.49 32.08
C ALA A 151 -8.84 13.23 32.88
N GLN A 152 -7.99 14.03 32.24
CA GLN A 152 -6.98 14.77 33.01
C GLN A 152 -7.65 15.70 34.03
N ARG A 153 -8.84 16.21 33.70
CA ARG A 153 -9.48 17.29 34.43
C ARG A 153 -9.97 16.79 35.78
N ILE A 154 -9.95 15.47 36.00
CA ILE A 154 -10.34 14.84 37.26
C ILE A 154 -9.21 13.97 37.80
N SER A 155 -8.05 13.97 37.15
CA SER A 155 -6.89 13.33 37.75
C SER A 155 -5.79 14.35 38.04
N GLY A 156 -5.73 15.38 37.18
CA GLY A 156 -4.56 16.24 37.10
C GLY A 156 -3.32 15.51 36.59
N LYS A 157 -3.48 14.36 35.91
CA LYS A 157 -2.36 13.69 35.26
C LYS A 157 -2.72 13.27 33.84
N GLU A 158 -1.67 12.96 33.07
CA GLU A 158 -1.82 12.56 31.69
C GLU A 158 -2.63 11.26 31.64
N ALA A 159 -3.52 11.15 30.64
CA ALA A 159 -4.32 9.95 30.42
C ALA A 159 -3.95 9.38 29.05
N VAL A 160 -3.68 8.07 28.99
CA VAL A 160 -3.44 7.45 27.71
C VAL A 160 -4.49 6.36 27.44
N ILE A 161 -5.13 6.43 26.27
CA ILE A 161 -5.89 5.33 25.69
C ILE A 161 -5.17 4.81 24.46
N PRO A 162 -4.44 3.67 24.52
CA PRO A 162 -3.85 3.13 23.30
C PRO A 162 -4.87 2.78 22.23
N TRP A 163 -4.52 3.08 20.96
CA TRP A 163 -5.41 2.87 19.82
C TRP A 163 -4.83 1.78 18.92
N TYR A 164 -5.38 0.54 19.07
CA TYR A 164 -5.04 -0.60 18.23
C TYR A 164 -5.97 -0.67 17.01
N VAL A 165 -5.39 -0.52 15.81
CA VAL A 165 -6.13 -0.39 14.57
C VAL A 165 -5.94 -1.66 13.76
N MET A 166 -7.00 -2.45 13.66
CA MET A 166 -6.97 -3.70 12.97
C MET A 166 -7.36 -3.48 11.52
N THR A 167 -6.43 -3.89 10.64
CA THR A 167 -6.55 -3.74 9.20
C THR A 167 -6.49 -5.11 8.55
N SER A 168 -6.76 -5.16 7.23
CA SER A 168 -6.56 -6.38 6.46
C SER A 168 -5.33 -6.16 5.57
N GLY A 169 -4.85 -7.24 4.94
CA GLY A 169 -3.82 -7.10 3.92
C GLY A 169 -4.14 -6.01 2.90
N PRO A 170 -5.36 -5.99 2.31
CA PRO A 170 -5.81 -4.89 1.45
C PRO A 170 -5.81 -3.43 1.96
N THR A 171 -5.90 -3.21 3.29
CA THR A 171 -6.00 -1.85 3.82
C THR A 171 -4.76 -1.47 4.64
N ARG A 172 -3.85 -2.41 4.92
CA ARG A 172 -2.85 -2.13 5.93
C ARG A 172 -1.90 -1.03 5.46
N LYS A 173 -1.31 -1.18 4.28
CA LYS A 173 -0.36 -0.20 3.76
C LYS A 173 -1.01 1.19 3.63
N PRO A 174 -2.08 1.42 2.82
CA PRO A 174 -2.64 2.78 2.71
C PRO A 174 -3.00 3.37 4.08
N THR A 175 -3.42 2.52 5.03
CA THR A 175 -3.83 3.02 6.35
C THR A 175 -2.61 3.58 7.07
N GLU A 176 -1.50 2.83 7.08
CA GLU A 176 -0.32 3.29 7.78
C GLU A 176 0.20 4.59 7.16
N GLU A 177 0.20 4.70 5.81
CA GLU A 177 0.66 5.90 5.10
C GLU A 177 -0.22 7.09 5.47
N PHE A 178 -1.53 6.95 5.40
CA PHE A 178 -2.46 7.98 5.82
C PHE A 178 -2.19 8.41 7.27
N PHE A 179 -2.03 7.47 8.22
CA PHE A 179 -1.84 7.87 9.60
C PHE A 179 -0.52 8.62 9.70
N GLU A 180 0.52 8.10 9.04
CA GLU A 180 1.84 8.77 8.99
C GLU A 180 1.77 10.18 8.40
N GLN A 181 1.03 10.37 7.30
CA GLN A 181 0.94 11.66 6.62
C GLN A 181 0.23 12.69 7.49
N HIS A 182 -0.69 12.21 8.35
CA HIS A 182 -1.44 13.05 9.27
C HIS A 182 -0.81 13.08 10.66
N LYS A 183 0.42 12.56 10.80
CA LYS A 183 1.13 12.60 12.08
C LYS A 183 0.26 12.00 13.19
N TYR A 184 -0.53 10.98 12.83
CA TYR A 184 -1.31 10.23 13.79
C TYR A 184 -2.37 11.14 14.41
N PHE A 185 -2.73 12.22 13.68
CA PHE A 185 -3.81 13.12 14.07
C PHE A 185 -3.53 13.83 15.39
N GLY A 186 -2.26 13.88 15.81
CA GLY A 186 -1.88 14.57 17.04
C GLY A 186 -1.82 13.68 18.27
N LEU A 187 -2.09 12.40 18.07
CA LEU A 187 -1.82 11.39 19.10
C LEU A 187 -0.33 11.03 19.03
N ASN A 188 0.16 10.42 20.10
CA ASN A 188 1.54 9.95 20.14
C ASN A 188 1.59 8.67 19.33
N LYS A 189 2.46 8.63 18.31
CA LYS A 189 2.60 7.46 17.46
C LYS A 189 2.93 6.20 18.27
N SER A 190 3.62 6.34 19.41
CA SER A 190 3.93 5.19 20.26
C SER A 190 2.69 4.61 20.96
N ASP A 191 1.55 5.33 20.91
CA ASP A 191 0.31 4.88 21.52
C ASP A 191 -0.73 4.43 20.49
N VAL A 192 -0.31 4.29 19.24
CA VAL A 192 -1.17 3.87 18.15
C VAL A 192 -0.45 2.70 17.46
N ILE A 193 -1.11 1.54 17.46
CA ILE A 193 -0.55 0.35 16.86
C ILE A 193 -1.49 -0.09 15.75
N ILE A 194 -0.93 -0.23 14.53
CA ILE A 194 -1.61 -0.75 13.37
C ILE A 194 -1.16 -2.19 13.22
N PHE A 195 -2.13 -3.13 13.13
CA PHE A 195 -1.83 -4.54 12.93
C PHE A 195 -2.87 -5.09 11.96
N GLU A 196 -2.74 -6.39 11.64
CA GLU A 196 -3.42 -6.97 10.50
C GLU A 196 -4.15 -8.21 10.99
N GLN A 197 -5.38 -8.39 10.52
CA GLN A 197 -6.10 -9.63 10.69
C GLN A 197 -5.60 -10.64 9.67
N GLY A 198 -5.92 -11.91 9.97
CA GLY A 198 -5.51 -13.08 9.18
C GLY A 198 -6.36 -13.26 7.93
N VAL A 199 -6.09 -14.35 7.19
CA VAL A 199 -6.76 -14.61 5.93
C VAL A 199 -7.20 -16.07 5.90
N LEU A 200 -8.12 -16.37 4.98
CA LEU A 200 -8.46 -17.74 4.64
C LEU A 200 -8.54 -17.83 3.12
N PRO A 201 -8.25 -19.00 2.49
CA PRO A 201 -8.41 -19.16 1.05
C PRO A 201 -9.87 -19.10 0.60
N CYS A 202 -10.10 -18.53 -0.56
CA CYS A 202 -11.41 -18.61 -1.19
C CYS A 202 -11.51 -19.99 -1.84
N ILE A 203 -12.73 -20.55 -1.78
CA ILE A 203 -13.02 -21.92 -2.12
C ILE A 203 -14.07 -21.90 -3.22
N SER A 204 -13.85 -22.68 -4.28
CA SER A 204 -14.83 -22.79 -5.36
C SER A 204 -16.07 -23.52 -4.85
N ASN A 205 -17.14 -23.49 -5.67
CA ASN A 205 -18.37 -24.23 -5.38
C ASN A 205 -18.13 -25.75 -5.32
N GLU A 206 -17.01 -26.22 -5.87
CA GLU A 206 -16.74 -27.65 -5.88
C GLU A 206 -15.71 -27.98 -4.78
N GLY A 207 -15.39 -27.03 -3.90
CA GLY A 207 -14.50 -27.27 -2.77
C GLY A 207 -13.03 -27.17 -3.18
N LYS A 208 -12.75 -26.52 -4.31
CA LYS A 208 -11.38 -26.46 -4.78
C LYS A 208 -10.79 -25.10 -4.43
N ILE A 209 -9.54 -25.10 -3.90
CA ILE A 209 -8.86 -23.84 -3.62
C ILE A 209 -8.80 -23.08 -4.94
N LEU A 210 -9.11 -21.77 -4.90
CA LEU A 210 -9.12 -20.92 -6.07
C LEU A 210 -7.74 -20.26 -6.26
N MET A 211 -7.29 -20.19 -7.51
CA MET A 211 -5.99 -19.64 -7.83
C MET A 211 -6.21 -18.22 -8.35
N GLU A 212 -5.59 -17.22 -7.70
CA GLU A 212 -5.68 -15.84 -8.14
C GLU A 212 -4.81 -15.67 -9.38
N SER A 213 -3.54 -16.08 -9.28
CA SER A 213 -2.67 -16.18 -10.44
C SER A 213 -2.14 -17.62 -10.54
N LYS A 214 -1.24 -17.83 -11.53
CA LYS A 214 -0.58 -19.12 -11.69
C LYS A 214 0.36 -19.40 -10.52
N PHE A 215 0.67 -18.39 -9.71
CA PHE A 215 1.62 -18.53 -8.61
C PHE A 215 1.06 -18.08 -7.24
N LYS A 216 -0.24 -17.68 -7.15
CA LYS A 216 -0.82 -17.20 -5.91
C LYS A 216 -2.27 -17.67 -5.74
N VAL A 217 -2.56 -18.16 -4.53
CA VAL A 217 -3.89 -18.56 -4.10
C VAL A 217 -4.71 -17.30 -3.81
N ALA A 218 -5.97 -17.30 -4.24
CA ALA A 218 -6.94 -16.30 -3.83
C ALA A 218 -7.27 -16.51 -2.34
N VAL A 219 -6.96 -15.48 -1.53
CA VAL A 219 -7.33 -15.39 -0.12
C VAL A 219 -8.23 -14.16 0.12
N ALA A 220 -8.91 -14.15 1.28
CA ALA A 220 -9.69 -13.01 1.75
C ALA A 220 -9.58 -12.92 3.26
N PRO A 221 -9.78 -11.70 3.84
CA PRO A 221 -9.73 -11.53 5.29
C PRO A 221 -10.76 -12.44 5.97
N ASP A 222 -10.43 -12.82 7.20
CA ASP A 222 -11.08 -13.90 7.90
C ASP A 222 -12.25 -13.39 8.74
N GLY A 223 -12.77 -12.18 8.41
CA GLY A 223 -13.96 -11.65 9.06
C GLY A 223 -13.55 -10.87 10.30
N ASN A 224 -14.45 -10.04 10.85
CA ASN A 224 -14.07 -9.28 12.03
C ASN A 224 -13.91 -10.18 13.24
N GLY A 225 -14.44 -11.42 13.20
CA GLY A 225 -14.18 -12.36 14.28
C GLY A 225 -12.72 -12.83 14.34
N GLY A 226 -11.93 -12.55 13.30
CA GLY A 226 -10.51 -12.82 13.25
C GLY A 226 -9.69 -11.94 14.18
N ILE A 227 -10.31 -10.82 14.69
CA ILE A 227 -9.71 -9.99 15.75
C ILE A 227 -9.03 -10.85 16.83
N TYR A 228 -9.72 -11.86 17.39
CA TYR A 228 -9.21 -12.49 18.61
C TYR A 228 -7.80 -13.06 18.29
N GLN A 229 -7.73 -13.85 17.23
CA GLN A 229 -6.54 -14.61 16.88
C GLN A 229 -5.42 -13.60 16.63
N ALA A 230 -5.82 -12.52 15.96
CA ALA A 230 -4.91 -11.46 15.54
C ALA A 230 -4.36 -10.68 16.73
N LEU A 231 -5.17 -10.56 17.81
CA LEU A 231 -4.65 -9.93 19.02
C LEU A 231 -3.43 -10.68 19.54
N LEU A 232 -3.46 -12.03 19.48
CA LEU A 232 -2.34 -12.82 19.99
C LEU A 232 -1.10 -12.68 19.10
N THR A 233 -1.26 -12.99 17.80
CA THR A 233 -0.17 -13.15 16.86
C THR A 233 0.49 -11.79 16.58
N SER A 234 -0.23 -10.69 16.75
CA SER A 234 0.30 -9.36 16.47
C SER A 234 1.15 -8.86 17.64
N GLY A 235 0.99 -9.45 18.83
CA GLY A 235 1.61 -8.93 20.04
C GLY A 235 0.72 -7.89 20.74
N VAL A 236 -0.50 -7.64 20.24
CA VAL A 236 -1.29 -6.55 20.78
C VAL A 236 -1.75 -6.89 22.21
N ARG A 237 -2.22 -8.12 22.45
CA ARG A 237 -2.65 -8.51 23.78
C ARG A 237 -1.49 -8.36 24.76
N GLU A 238 -0.29 -8.79 24.34
CA GLU A 238 0.93 -8.61 25.13
C GLU A 238 1.16 -7.13 25.47
N ASP A 239 1.05 -6.24 24.47
CA ASP A 239 1.25 -4.81 24.71
C ASP A 239 0.20 -4.28 25.70
N MET A 240 -1.04 -4.74 25.56
CA MET A 240 -2.10 -4.35 26.50
C MET A 240 -1.69 -4.76 27.92
N ARG A 241 -1.21 -6.02 28.09
CA ARG A 241 -0.82 -6.49 29.40
C ARG A 241 0.27 -5.59 29.94
N LYS A 242 1.28 -5.32 29.11
CA LYS A 242 2.41 -4.50 29.55
C LYS A 242 1.94 -3.15 30.07
N ARG A 243 0.93 -2.56 29.40
CA ARG A 243 0.44 -1.25 29.75
C ARG A 243 -0.43 -1.25 30.99
N GLY A 244 -0.86 -2.42 31.50
CA GLY A 244 -1.85 -2.52 32.56
C GLY A 244 -3.30 -2.29 32.12
N ILE A 245 -3.61 -2.56 30.84
CA ILE A 245 -4.97 -2.39 30.32
C ILE A 245 -5.90 -3.35 31.02
N GLU A 246 -7.12 -2.89 31.37
CA GLU A 246 -8.10 -3.77 32.00
C GLU A 246 -9.46 -3.73 31.26
N HIS A 247 -9.67 -2.75 30.39
CA HIS A 247 -10.97 -2.54 29.74
C HIS A 247 -10.73 -2.10 28.29
N ILE A 248 -11.44 -2.75 27.36
CA ILE A 248 -11.23 -2.55 25.96
C ILE A 248 -12.58 -2.33 25.29
N HIS A 249 -12.65 -1.24 24.55
CA HIS A 249 -13.75 -0.88 23.70
C HIS A 249 -13.35 -1.19 22.26
N THR A 250 -14.18 -2.02 21.62
CA THR A 250 -13.94 -2.45 20.25
C THR A 250 -15.10 -1.93 19.42
N TYR A 251 -14.81 -1.38 18.25
CA TYR A 251 -15.88 -0.85 17.41
C TYR A 251 -15.49 -0.89 15.95
N VAL A 253 -15.07 0.93 12.20
CA VAL A 253 -14.57 2.15 11.62
C VAL A 253 -15.68 2.97 10.97
N ASP A 254 -16.75 2.32 10.53
CA ASP A 254 -17.65 2.91 9.55
C ASP A 254 -18.71 3.77 10.23
N ASN A 255 -18.71 3.80 11.57
CA ASN A 255 -19.69 4.57 12.33
C ASN A 255 -19.14 5.96 12.65
N CYS A 256 -19.65 6.94 11.92
CA CYS A 256 -19.13 8.31 12.01
CA CYS A 256 -19.20 8.32 11.97
C CYS A 256 -19.48 8.95 13.36
N LEU A 257 -20.52 8.46 14.07
CA LEU A 257 -20.92 8.97 15.41
C LEU A 257 -20.31 8.19 16.60
N VAL A 258 -19.41 7.24 16.34
CA VAL A 258 -19.02 6.32 17.38
C VAL A 258 -18.46 7.10 18.58
N LYS A 259 -18.99 6.87 19.80
CA LYS A 259 -18.37 7.38 21.02
C LYS A 259 -17.18 6.50 21.43
N VAL A 260 -16.00 6.90 20.96
CA VAL A 260 -14.80 6.10 21.15
C VAL A 260 -14.48 6.08 22.65
N ALA A 261 -14.36 4.88 23.25
CA ALA A 261 -14.00 4.73 24.65
C ALA A 261 -15.06 5.38 25.54
N ASP A 262 -16.32 5.38 25.09
CA ASP A 262 -17.39 6.05 25.80
C ASP A 262 -17.34 5.73 27.29
N PRO A 263 -17.11 6.74 28.14
CA PRO A 263 -16.96 6.54 29.58
C PRO A 263 -18.18 5.95 30.28
N VAL A 264 -19.39 6.29 29.80
CA VAL A 264 -20.57 5.69 30.41
C VAL A 264 -20.59 4.19 30.16
N PHE A 265 -20.27 3.78 28.93
CA PHE A 265 -20.27 2.38 28.55
C PHE A 265 -19.27 1.58 29.39
N ILE A 266 -18.06 2.11 29.51
CA ILE A 266 -16.97 1.43 30.22
C ILE A 266 -17.34 1.32 31.69
N GLY A 267 -17.81 2.44 32.29
CA GLY A 267 -18.15 2.44 33.70
C GLY A 267 -19.37 1.56 33.98
N PHE A 268 -20.34 1.52 33.06
CA PHE A 268 -21.43 0.56 33.13
C PHE A 268 -20.90 -0.88 33.18
N ALA A 269 -20.03 -1.25 32.22
CA ALA A 269 -19.62 -2.64 32.14
C ALA A 269 -18.79 -3.02 33.36
N ALA A 270 -17.80 -2.18 33.69
CA ALA A 270 -16.92 -2.42 34.79
C ALA A 270 -17.70 -2.56 36.10
N SER A 271 -18.76 -1.76 36.27
CA SER A 271 -19.50 -1.78 37.52
C SER A 271 -20.28 -3.09 37.58
N LYS A 272 -20.65 -3.68 36.44
CA LYS A 272 -21.34 -4.96 36.45
C LYS A 272 -20.33 -6.10 36.48
N GLN A 273 -19.03 -5.79 36.39
CA GLN A 273 -17.99 -6.80 36.30
C GLN A 273 -18.28 -7.83 35.20
N VAL A 274 -18.68 -7.38 34.01
CA VAL A 274 -18.96 -8.32 32.94
C VAL A 274 -17.65 -8.70 32.23
N ASP A 275 -17.67 -9.86 31.57
CA ASP A 275 -16.64 -10.20 30.60
C ASP A 275 -16.84 -9.39 29.31
N ILE A 276 -18.12 -9.17 28.92
CA ILE A 276 -18.52 -8.59 27.66
C ILE A 276 -19.76 -7.72 27.86
N ALA A 277 -19.73 -6.53 27.23
CA ALA A 277 -20.96 -5.76 27.07
C ALA A 277 -21.03 -5.25 25.64
N THR A 278 -22.23 -4.86 25.22
CA THR A 278 -22.45 -4.47 23.84
C THR A 278 -23.55 -3.40 23.82
N LYS A 279 -23.53 -2.50 22.79
CA LYS A 279 -24.56 -1.49 22.60
C LYS A 279 -25.55 -1.93 21.51
N VAL A 280 -26.80 -1.47 21.69
CA VAL A 280 -27.79 -1.63 20.64
C VAL A 280 -28.54 -0.30 20.42
N VAL A 281 -29.23 -0.19 19.29
CA VAL A 281 -30.28 0.80 19.16
C VAL A 281 -31.54 0.06 18.71
N ARG A 282 -32.71 0.64 18.94
CA ARG A 282 -33.97 0.13 18.39
C ARG A 282 -33.81 -0.02 16.89
N LYS A 283 -34.15 -1.20 16.35
CA LYS A 283 -34.04 -1.50 14.93
C LYS A 283 -34.93 -0.54 14.16
N ARG A 284 -34.45 -0.13 12.96
CA ARG A 284 -35.11 0.94 12.21
C ARG A 284 -36.40 0.44 11.54
N ASN A 285 -36.39 -0.82 11.07
CA ASN A 285 -37.54 -1.50 10.46
C ASN A 285 -37.16 -2.97 10.21
N ALA A 286 -38.05 -3.76 9.60
CA ALA A 286 -37.88 -5.21 9.47
C ALA A 286 -36.60 -5.54 8.68
N THR A 287 -36.30 -4.75 7.66
CA THR A 287 -35.31 -5.08 6.63
C THR A 287 -33.94 -4.43 6.87
N GLU A 288 -33.77 -3.66 7.96
CA GLU A 288 -32.47 -3.08 8.25
C GLU A 288 -31.41 -4.18 8.33
N SER A 289 -30.30 -3.93 7.65
CA SER A 289 -29.11 -4.76 7.60
C SER A 289 -28.30 -4.60 8.88
N VAL A 290 -28.89 -5.14 9.96
CA VAL A 290 -28.26 -5.17 11.27
C VAL A 290 -28.39 -6.56 11.87
N GLY A 291 -27.36 -6.97 12.63
CA GLY A 291 -27.54 -8.12 13.50
C GLY A 291 -28.52 -7.82 14.64
N LEU A 292 -29.21 -8.84 15.14
CA LEU A 292 -30.14 -8.70 16.25
C LEU A 292 -29.60 -9.46 17.45
N ILE A 293 -29.44 -8.74 18.55
CA ILE A 293 -28.99 -9.31 19.80
C ILE A 293 -30.16 -9.82 20.63
N LEU A 294 -30.02 -11.06 21.08
CA LEU A 294 -31.14 -11.76 21.70
C LEU A 294 -30.58 -12.90 22.54
N GLN A 295 -31.49 -13.70 23.09
CA GLN A 295 -31.14 -14.89 23.84
C GLN A 295 -31.56 -16.12 23.05
N LYS A 296 -30.57 -16.94 22.68
CA LYS A 296 -30.75 -18.11 21.82
C LYS A 296 -30.28 -19.32 22.61
N ASN A 297 -31.20 -20.28 22.80
CA ASN A 297 -30.89 -21.50 23.53
C ASN A 297 -30.35 -21.19 24.94
N GLY A 298 -30.84 -20.12 25.55
CA GLY A 298 -30.45 -19.75 26.91
C GLY A 298 -29.26 -18.79 26.99
N LYS A 299 -28.64 -18.47 25.86
CA LYS A 299 -27.37 -17.76 25.90
C LYS A 299 -27.48 -16.41 25.22
N PRO A 300 -26.59 -15.42 25.51
CA PRO A 300 -26.59 -14.18 24.72
C PRO A 300 -26.10 -14.53 23.32
N ASP A 301 -26.59 -13.82 22.30
CA ASP A 301 -26.26 -14.24 20.96
C ASP A 301 -26.76 -13.19 19.99
N VAL A 302 -26.27 -13.30 18.77
CA VAL A 302 -26.62 -12.42 17.66
C VAL A 302 -27.07 -13.27 16.49
N VAL A 303 -28.21 -12.93 15.89
CA VAL A 303 -28.64 -13.46 14.61
C VAL A 303 -28.34 -12.40 13.56
N GLU A 304 -27.38 -12.71 12.69
CA GLU A 304 -26.92 -11.73 11.69
C GLU A 304 -28.01 -11.48 10.65
N TYR A 305 -28.01 -10.30 10.01
CA TYR A 305 -29.08 -9.96 9.07
C TYR A 305 -29.08 -10.91 7.86
N SER A 306 -27.90 -11.43 7.50
CA SER A 306 -27.74 -12.33 6.35
C SER A 306 -28.18 -13.74 6.68
N GLU A 307 -28.51 -14.02 7.94
CA GLU A 307 -28.85 -15.36 8.37
C GLU A 307 -30.31 -15.45 8.85
N ILE A 308 -30.89 -14.32 9.29
CA ILE A 308 -32.23 -14.34 9.84
C ILE A 308 -33.23 -14.75 8.74
N ASP A 309 -34.30 -15.46 9.15
CA ASP A 309 -35.41 -15.75 8.25
C ASP A 309 -36.47 -14.66 8.37
N LYS A 310 -37.43 -14.69 7.45
CA LYS A 310 -38.50 -13.72 7.41
C LYS A 310 -39.34 -13.81 8.69
N GLU A 311 -39.70 -15.03 9.11
CA GLU A 311 -40.55 -15.19 10.27
C GLU A 311 -40.01 -14.38 11.44
N THR A 312 -38.72 -14.60 11.78
CA THR A 312 -38.14 -14.08 13.01
C THR A 312 -37.96 -12.56 12.90
N ALA A 313 -37.53 -12.05 11.73
CA ALA A 313 -37.35 -10.63 11.47
C ALA A 313 -38.66 -9.84 11.50
N GLU A 314 -39.79 -10.46 11.12
CA GLU A 314 -41.08 -9.79 11.08
C GLU A 314 -41.93 -10.09 12.32
N ALA A 315 -41.43 -10.91 13.26
CA ALA A 315 -42.24 -11.27 14.40
C ALA A 315 -42.64 -10.01 15.18
N LYS A 316 -43.90 -9.94 15.65
CA LYS A 316 -44.39 -8.73 16.32
C LYS A 316 -44.53 -8.99 17.82
N ASP A 317 -44.50 -7.90 18.61
CA ASP A 317 -44.71 -7.98 20.04
C ASP A 317 -46.19 -8.25 20.31
N PRO A 318 -46.54 -9.18 21.22
CA PRO A 318 -47.94 -9.58 21.45
C PRO A 318 -48.92 -8.41 21.56
N LYS A 319 -48.53 -7.40 22.34
CA LYS A 319 -49.43 -6.33 22.76
C LYS A 319 -49.14 -5.03 21.99
N GLN A 320 -48.11 -5.04 21.14
CA GLN A 320 -47.79 -3.90 20.27
C GLN A 320 -47.60 -4.41 18.85
N PRO A 321 -48.68 -4.42 18.04
CA PRO A 321 -48.71 -5.25 16.82
C PRO A 321 -47.91 -4.62 15.68
N ASP A 322 -47.54 -3.32 15.79
CA ASP A 322 -46.64 -2.72 14.81
C ASP A 322 -45.20 -2.63 15.35
N VAL A 323 -44.86 -3.26 16.49
CA VAL A 323 -43.47 -3.18 16.93
C VAL A 323 -42.82 -4.56 16.86
N LEU A 324 -41.64 -4.62 16.24
CA LEU A 324 -40.97 -5.91 16.02
C LEU A 324 -40.60 -6.47 17.37
N LYS A 325 -40.77 -7.80 17.54
CA LYS A 325 -40.44 -8.56 18.73
C LYS A 325 -38.93 -8.51 19.02
N PHE A 326 -38.13 -8.66 17.95
CA PHE A 326 -36.68 -8.63 17.99
C PHE A 326 -36.20 -7.34 17.36
N ARG A 327 -35.73 -6.37 18.17
CA ARG A 327 -35.38 -5.05 17.61
C ARG A 327 -34.16 -4.41 18.29
N ALA A 328 -33.29 -5.21 18.88
CA ALA A 328 -32.06 -4.74 19.51
C ALA A 328 -30.94 -4.82 18.49
N ALA A 329 -30.79 -3.74 17.69
CA ALA A 329 -29.91 -3.80 16.58
C ALA A 329 -28.47 -3.67 17.07
N ASN A 330 -27.62 -4.56 16.60
CA ASN A 330 -26.20 -4.56 16.91
C ASN A 330 -25.53 -3.36 16.23
N ILE A 331 -24.80 -2.54 16.99
CA ILE A 331 -24.12 -1.42 16.36
C ILE A 331 -22.61 -1.57 16.52
N VAL A 332 -22.19 -2.81 16.79
CA VAL A 332 -20.77 -3.17 16.74
C VAL A 332 -20.00 -2.20 17.63
N ASN A 333 -20.43 -2.19 18.87
CA ASN A 333 -19.80 -1.44 19.93
C ASN A 333 -19.76 -2.37 21.12
N HIS A 334 -18.52 -2.89 21.41
CA HIS A 334 -18.35 -3.99 22.35
C HIS A 334 -17.36 -3.60 23.45
N TYR A 335 -17.61 -4.12 24.64
CA TYR A 335 -16.66 -4.04 25.75
C TYR A 335 -16.18 -5.44 26.06
N TYR A 336 -14.88 -5.51 26.37
CA TYR A 336 -14.30 -6.72 26.93
C TYR A 336 -13.45 -6.39 28.16
N SER A 337 -13.47 -7.30 29.16
CA SER A 337 -12.46 -7.26 30.20
C SER A 337 -11.17 -7.78 29.59
N PHE A 338 -10.02 -7.32 30.12
CA PHE A 338 -8.74 -7.84 29.65
C PHE A 338 -8.60 -9.33 29.96
N LYS A 339 -9.08 -9.72 31.13
CA LYS A 339 -9.12 -11.10 31.58
C LYS A 339 -9.81 -11.98 30.51
N PHE A 340 -10.92 -11.55 29.90
CA PHE A 340 -11.51 -12.27 28.77
C PHE A 340 -10.48 -12.57 27.67
N PHE A 341 -9.64 -11.59 27.28
CA PHE A 341 -8.72 -11.76 26.17
C PHE A 341 -7.64 -12.78 26.56
N GLU A 342 -7.33 -12.88 27.86
CA GLU A 342 -6.33 -13.83 28.34
C GLU A 342 -6.75 -15.27 28.11
N SER A 343 -8.04 -15.52 27.81
CA SER A 343 -8.54 -16.85 27.57
C SER A 343 -8.63 -17.16 26.07
N ILE A 344 -8.18 -16.27 25.16
CA ILE A 344 -8.41 -16.45 23.73
C ILE A 344 -7.98 -17.86 23.26
N GLU A 345 -6.88 -18.42 23.81
CA GLU A 345 -6.31 -19.61 23.22
C GLU A 345 -7.28 -20.78 23.41
N LEU A 346 -8.20 -20.67 24.36
CA LEU A 346 -9.04 -21.80 24.75
C LEU A 346 -10.22 -21.90 23.77
N TRP A 347 -10.64 -20.81 23.11
CA TRP A 347 -11.90 -20.87 22.37
C TRP A 347 -11.86 -20.25 20.96
N ALA A 348 -10.72 -19.71 20.54
CA ALA A 348 -10.58 -19.06 19.23
C ALA A 348 -10.99 -20.01 18.11
N HIS A 349 -10.61 -21.29 18.26
CA HIS A 349 -10.78 -22.28 17.23
C HIS A 349 -12.24 -22.75 17.19
N LYS A 350 -13.06 -22.35 18.17
CA LYS A 350 -14.45 -22.75 18.25
C LYS A 350 -15.38 -21.79 17.51
N LEU A 351 -14.89 -20.63 17.09
CA LEU A 351 -15.68 -19.66 16.34
C LEU A 351 -16.07 -20.23 14.98
N PRO A 352 -17.35 -20.27 14.61
CA PRO A 352 -17.76 -20.87 13.33
C PRO A 352 -17.37 -19.98 12.16
N HIS A 353 -17.51 -20.53 10.96
CA HIS A 353 -17.12 -19.85 9.74
C HIS A 353 -18.42 -19.62 9.00
N HIS A 354 -18.76 -18.34 8.77
CA HIS A 354 -19.94 -17.96 8.02
C HIS A 354 -19.58 -17.95 6.54
N VAL A 355 -20.51 -18.40 5.70
CA VAL A 355 -20.30 -18.65 4.29
C VAL A 355 -20.89 -17.51 3.48
N ALA A 356 -20.12 -16.90 2.58
CA ALA A 356 -20.70 -15.92 1.66
C ALA A 356 -20.32 -16.32 0.24
N ARG A 357 -21.32 -16.38 -0.66
CA ARG A 357 -21.10 -16.77 -2.05
C ARG A 357 -20.64 -15.54 -2.82
N LYS A 358 -19.44 -15.60 -3.43
CA LYS A 358 -18.75 -14.42 -3.92
C LYS A 358 -18.22 -14.64 -5.33
N LYS A 359 -18.11 -13.54 -6.09
CA LYS A 359 -17.48 -13.56 -7.39
C LYS A 359 -15.98 -13.33 -7.19
N ILE A 360 -15.17 -14.36 -7.46
CA ILE A 360 -13.76 -14.33 -7.10
C ILE A 360 -12.95 -14.47 -8.39
N PRO A 361 -12.22 -13.40 -8.82
CA PRO A 361 -11.34 -13.49 -9.98
C PRO A 361 -10.18 -14.47 -9.74
N CYS A 362 -9.95 -15.33 -10.74
CA CYS A 362 -9.07 -16.47 -10.60
C CYS A 362 -8.60 -16.96 -11.98
N ILE A 363 -7.78 -18.02 -11.99
CA ILE A 363 -7.41 -18.74 -13.19
C ILE A 363 -8.43 -19.85 -13.44
N LYS A 364 -9.00 -19.94 -14.65
CA LYS A 364 -9.86 -21.05 -15.00
C LYS A 364 -9.02 -22.33 -14.94
N GLU A 365 -9.36 -23.22 -14.01
CA GLU A 365 -8.66 -24.48 -13.81
C GLU A 365 -8.66 -25.24 -15.13
N GLY A 366 -7.47 -25.46 -15.69
CA GLY A 366 -7.32 -26.12 -16.98
C GLY A 366 -6.55 -25.26 -17.99
N THR A 367 -6.97 -24.01 -18.17
CA THR A 367 -6.43 -23.11 -19.19
C THR A 367 -5.27 -22.29 -18.64
N GLY A 368 -5.57 -21.45 -17.63
CA GLY A 368 -4.65 -20.43 -17.14
C GLY A 368 -5.14 -19.01 -17.38
N GLU A 369 -6.28 -18.85 -18.09
CA GLU A 369 -6.80 -17.56 -18.47
C GLU A 369 -7.45 -16.88 -17.26
N PHE A 370 -6.78 -15.82 -16.76
CA PHE A 370 -7.15 -15.15 -15.51
C PHE A 370 -8.43 -14.35 -15.69
N PHE A 371 -9.58 -14.95 -15.33
CA PHE A 371 -10.89 -14.47 -15.75
C PHE A 371 -11.70 -13.91 -14.58
N LYS A 372 -12.47 -12.84 -14.86
CA LYS A 372 -13.46 -12.28 -13.93
C LYS A 372 -14.79 -13.00 -14.13
N PRO A 373 -15.30 -13.78 -13.14
CA PRO A 373 -16.50 -14.60 -13.34
C PRO A 373 -17.80 -13.81 -13.28
N GLU A 374 -18.84 -14.34 -13.94
CA GLU A 374 -20.13 -13.68 -14.02
C GLU A 374 -20.95 -13.99 -12.79
N LYS A 375 -21.17 -15.29 -12.54
CA LYS A 375 -21.91 -15.78 -11.38
C LYS A 375 -20.93 -16.08 -10.26
N PRO A 376 -21.41 -16.12 -8.99
CA PRO A 376 -20.55 -16.52 -7.87
C PRO A 376 -19.94 -17.88 -8.17
N ASN A 377 -18.60 -17.92 -8.28
CA ASN A 377 -17.87 -19.14 -8.59
C ASN A 377 -17.37 -19.82 -7.30
N GLY A 378 -17.52 -19.15 -6.14
CA GLY A 378 -16.94 -19.67 -4.92
C GLY A 378 -17.43 -18.94 -3.67
N ILE A 379 -16.77 -19.24 -2.54
CA ILE A 379 -17.23 -18.78 -1.25
C ILE A 379 -16.08 -18.13 -0.51
N LYS A 380 -16.43 -17.17 0.36
CA LYS A 380 -15.51 -16.62 1.34
C LYS A 380 -16.04 -17.03 2.71
N LEU A 381 -15.12 -17.43 3.60
CA LEU A 381 -15.42 -17.78 4.98
C LEU A 381 -14.96 -16.67 5.92
N GLU A 382 -15.78 -16.40 6.93
CA GLU A 382 -15.61 -15.30 7.87
C GLU A 382 -16.08 -15.72 9.24
N GLN A 383 -15.28 -15.39 10.25
CA GLN A 383 -15.71 -15.43 11.63
C GLN A 383 -16.27 -14.07 12.03
N PHE A 384 -17.27 -14.09 12.91
CA PHE A 384 -17.88 -12.84 13.33
C PHE A 384 -17.48 -12.57 14.78
N VAL A 385 -17.14 -11.29 15.08
CA VAL A 385 -16.72 -10.84 16.40
C VAL A 385 -17.71 -11.26 17.52
N PHE A 386 -19.02 -11.24 17.25
CA PHE A 386 -19.98 -11.44 18.33
C PHE A 386 -20.22 -12.94 18.60
N ASP A 387 -19.48 -13.84 17.93
CA ASP A 387 -19.77 -15.27 18.11
C ASP A 387 -19.20 -15.79 19.43
N VAL A 388 -18.49 -14.93 20.16
CA VAL A 388 -18.08 -15.21 21.54
C VAL A 388 -19.24 -15.02 22.53
N PHE A 389 -20.36 -14.42 22.11
CA PHE A 389 -21.39 -14.08 23.09
C PHE A 389 -21.94 -15.35 23.72
N PRO A 390 -22.38 -16.39 22.94
CA PRO A 390 -22.90 -17.63 23.54
C PRO A 390 -21.88 -18.45 24.35
N MET A 391 -20.60 -18.10 24.22
CA MET A 391 -19.57 -18.65 25.09
C MET A 391 -19.59 -18.01 26.47
N THR A 392 -20.30 -16.89 26.61
CA THR A 392 -20.22 -16.07 27.81
C THR A 392 -21.52 -16.23 28.59
N PRO A 393 -21.43 -16.49 29.92
CA PRO A 393 -22.63 -16.64 30.74
C PRO A 393 -23.39 -15.32 30.77
N LEU A 394 -24.71 -15.44 30.86
CA LEU A 394 -25.62 -14.31 30.86
C LEU A 394 -25.25 -13.30 31.96
N GLU A 395 -24.92 -13.81 33.15
CA GLU A 395 -24.56 -12.96 34.27
C GLU A 395 -23.23 -12.23 34.00
N LYS A 396 -22.42 -12.67 33.01
CA LYS A 396 -21.20 -11.96 32.69
C LYS A 396 -21.32 -11.23 31.35
N PHE A 397 -22.56 -10.99 30.92
CA PHE A 397 -22.84 -10.26 29.69
C PHE A 397 -23.81 -9.11 29.99
N ALA A 398 -23.68 -7.99 29.28
CA ALA A 398 -24.59 -6.87 29.45
C ALA A 398 -24.77 -6.17 28.12
N CYS A 399 -26.01 -5.72 27.93
CA CYS A 399 -26.40 -5.03 26.73
C CYS A 399 -27.08 -3.72 27.13
N ILE A 400 -26.64 -2.62 26.50
CA ILE A 400 -27.20 -1.32 26.80
C ILE A 400 -27.68 -0.62 25.53
N GLU A 401 -28.92 -0.11 25.60
CA GLU A 401 -29.53 0.64 24.54
C GLU A 401 -28.96 2.08 24.55
N VAL A 402 -28.61 2.59 23.35
CA VAL A 402 -28.27 4.00 23.16
C VAL A 402 -29.19 4.61 22.09
N ARG A 403 -29.04 5.93 21.91
CA ARG A 403 -29.79 6.73 20.94
C ARG A 403 -29.09 6.72 19.60
N ARG A 404 -29.82 6.25 18.58
CA ARG A 404 -29.32 6.12 17.23
C ARG A 404 -28.76 7.48 16.79
N GLU A 405 -29.49 8.57 17.04
CA GLU A 405 -29.12 9.89 16.51
C GLU A 405 -27.86 10.44 17.16
N ASP A 406 -27.45 9.90 18.34
CA ASP A 406 -26.22 10.31 19.00
C ASP A 406 -25.09 9.33 18.75
N GLU A 407 -25.37 8.06 18.39
CA GLU A 407 -24.37 7.00 18.54
C GLU A 407 -24.19 6.06 17.33
N PHE A 408 -25.04 6.16 16.31
CA PHE A 408 -24.98 5.18 15.23
C PHE A 408 -25.36 5.82 13.89
N SER A 409 -24.35 6.05 13.05
CA SER A 409 -24.61 6.57 11.71
C SER A 409 -23.60 5.94 10.78
N PRO A 410 -23.90 4.72 10.30
CA PRO A 410 -22.92 3.94 9.53
C PRO A 410 -22.84 4.39 8.06
N LEU A 411 -21.60 4.36 7.56
CA LEU A 411 -21.24 4.53 6.16
C LEU A 411 -21.09 3.15 5.49
N LYS A 412 -22.17 2.70 4.82
CA LYS A 412 -22.18 1.43 4.10
C LYS A 412 -22.10 1.66 2.58
N ASN A 413 -22.83 2.68 2.09
CA ASN A 413 -23.11 2.85 0.67
C ASN A 413 -22.49 4.14 0.13
N ALA A 414 -22.37 4.20 -1.21
CA ALA A 414 -21.87 5.39 -1.89
C ALA A 414 -22.93 6.49 -1.90
N ARG A 415 -22.43 7.73 -2.06
CA ARG A 415 -23.27 8.91 -2.22
C ARG A 415 -24.27 8.60 -3.35
N GLY A 416 -25.56 8.92 -3.15
CA GLY A 416 -26.56 8.67 -4.17
C GLY A 416 -27.54 7.59 -3.74
N THR A 417 -27.14 6.76 -2.77
CA THR A 417 -28.00 5.70 -2.27
C THR A 417 -29.22 6.28 -1.56
N GLY A 418 -28.97 7.21 -0.65
CA GLY A 418 -30.03 7.81 0.14
C GLY A 418 -30.08 7.32 1.57
N GLU A 419 -29.32 6.27 1.93
CA GLU A 419 -29.19 5.90 3.33
C GLU A 419 -27.86 5.24 3.60
N ASP A 420 -27.47 5.31 4.89
CA ASP A 420 -26.24 4.76 5.44
C ASP A 420 -25.09 5.08 4.50
N ASP A 421 -24.99 6.37 4.11
CA ASP A 421 -24.12 6.84 3.04
C ASP A 421 -23.47 8.13 3.49
N PRO A 422 -22.53 8.74 2.71
CA PRO A 422 -21.85 9.96 3.13
C PRO A 422 -22.72 11.16 3.48
N ASP A 423 -23.91 11.25 2.83
CA ASP A 423 -24.84 12.35 3.07
C ASP A 423 -25.59 12.11 4.36
N THR A 424 -26.07 10.89 4.61
CA THR A 424 -26.74 10.66 5.88
C THR A 424 -25.73 10.83 7.01
N SER A 425 -24.46 10.46 6.77
CA SER A 425 -23.46 10.56 7.83
C SER A 425 -23.22 12.03 8.17
N LYS A 426 -22.98 12.84 7.15
CA LYS A 426 -22.71 14.24 7.37
C LYS A 426 -23.90 14.88 8.09
N ARG A 427 -25.12 14.57 7.62
CA ARG A 427 -26.32 15.20 8.15
C ARG A 427 -26.45 14.84 9.63
N ASP A 428 -26.09 13.58 9.98
CA ASP A 428 -26.21 13.15 11.36
C ASP A 428 -25.20 13.86 12.26
N ILE A 429 -23.96 14.07 11.80
CA ILE A 429 -22.94 14.74 12.61
C ILE A 429 -23.33 16.21 12.74
N MET A 430 -23.80 16.81 11.64
CA MET A 430 -24.07 18.25 11.67
C MET A 430 -25.37 18.57 12.39
N SER A 431 -26.29 17.62 12.43
CA SER A 431 -27.53 17.77 13.16
C SER A 431 -27.27 17.58 14.65
N GLN A 432 -26.32 16.68 15.00
CA GLN A 432 -25.91 16.51 16.38
C GLN A 432 -25.19 17.77 16.91
N GLY A 433 -24.36 18.41 16.07
CA GLY A 433 -23.64 19.59 16.52
C GLY A 433 -24.60 20.76 16.82
N GLN A 434 -25.56 21.02 15.91
CA GLN A 434 -26.62 22.00 16.14
C GLN A 434 -27.37 21.69 17.43
N ARG A 435 -27.80 20.42 17.62
CA ARG A 435 -28.50 20.01 18.84
C ARG A 435 -27.68 20.42 20.07
N TRP A 436 -26.37 20.09 20.09
CA TRP A 436 -25.55 20.37 21.25
C TRP A 436 -25.42 21.89 21.44
N ILE A 437 -25.22 22.61 20.36
CA ILE A 437 -25.03 24.05 20.44
C ILE A 437 -26.33 24.65 21.00
N GLU A 438 -27.49 24.26 20.44
CA GLU A 438 -28.76 24.82 20.87
C GLU A 438 -29.01 24.61 22.35
N LYS A 439 -28.63 23.42 22.86
CA LYS A 439 -28.74 23.06 24.28
C LYS A 439 -27.84 23.88 25.19
N ALA A 440 -26.74 24.43 24.65
CA ALA A 440 -25.82 25.24 25.44
C ALA A 440 -26.19 26.72 25.37
N GLY A 441 -27.18 27.09 24.55
CA GLY A 441 -27.66 28.47 24.45
C GLY A 441 -27.38 29.12 23.10
N GLY A 442 -26.59 28.48 22.25
CA GLY A 442 -26.33 29.01 20.93
C GLY A 442 -27.60 29.04 20.08
N ILE A 443 -27.62 29.93 19.09
CA ILE A 443 -28.75 30.04 18.19
C ILE A 443 -28.23 29.81 16.79
N VAL A 444 -28.93 28.95 16.05
CA VAL A 444 -28.46 28.58 14.73
C VAL A 444 -29.46 29.13 13.72
N ILE A 445 -28.94 29.78 12.66
CA ILE A 445 -29.77 30.58 11.75
C ILE A 445 -30.44 29.66 10.73
N THR A 446 -29.69 29.18 9.73
CA THR A 446 -30.23 28.14 8.85
C THR A 446 -31.19 28.79 7.85
N VAL A 451 -27.48 22.63 6.15
CA VAL A 451 -28.13 22.60 7.49
C VAL A 451 -27.18 21.92 8.48
N GLY A 452 -27.21 22.38 9.73
CA GLY A 452 -26.45 21.78 10.80
C GLY A 452 -25.13 22.51 11.05
N VAL A 453 -24.44 22.04 12.10
CA VAL A 453 -23.16 22.61 12.50
C VAL A 453 -22.23 21.47 12.92
N GLU A 454 -21.03 21.46 12.35
CA GLU A 454 -20.01 20.51 12.74
C GLU A 454 -19.27 21.06 13.95
N VAL A 455 -19.17 20.25 15.00
CA VAL A 455 -18.42 20.60 16.20
C VAL A 455 -17.23 19.65 16.33
N SER A 456 -16.03 20.20 16.17
CA SER A 456 -14.80 19.46 16.37
C SER A 456 -14.87 18.66 17.65
N PRO A 457 -14.46 17.36 17.68
CA PRO A 457 -14.38 16.60 18.92
C PRO A 457 -13.39 17.25 19.90
N LEU A 458 -12.47 18.06 19.38
CA LEU A 458 -11.49 18.74 20.22
C LEU A 458 -12.13 19.90 20.99
N ILE A 459 -13.27 20.42 20.49
CA ILE A 459 -14.09 21.37 21.22
C ILE A 459 -15.02 20.59 22.15
N SER A 460 -15.74 19.57 21.61
CA SER A 460 -16.65 18.82 22.45
C SER A 460 -16.65 17.34 22.08
N TYR A 461 -16.49 16.48 23.10
CA TYR A 461 -16.58 15.04 22.93
C TYR A 461 -18.02 14.61 22.73
N GLY A 462 -18.91 15.06 23.65
CA GLY A 462 -20.26 14.58 23.71
C GLY A 462 -21.24 15.69 24.09
N GLY A 463 -20.87 16.95 23.84
CA GLY A 463 -21.83 18.04 24.03
C GLY A 463 -21.38 19.01 25.12
N GLU A 464 -20.40 18.59 25.96
CA GLU A 464 -19.86 19.43 27.01
C GLU A 464 -19.02 20.57 26.40
N GLY A 465 -18.69 21.58 27.21
CA GLY A 465 -17.70 22.60 26.91
C GLY A 465 -18.14 23.61 25.88
N LEU A 466 -19.46 23.74 25.66
CA LEU A 466 -19.95 24.63 24.61
C LEU A 466 -20.56 25.92 25.19
N GLU A 467 -20.51 26.09 26.51
CA GLU A 467 -21.04 27.30 27.14
C GLU A 467 -20.55 28.55 26.43
N PHE A 468 -19.27 28.57 26.04
CA PHE A 468 -18.72 29.74 25.38
C PHE A 468 -19.56 30.21 24.20
N LEU A 469 -20.52 29.39 23.73
CA LEU A 469 -21.35 29.74 22.57
C LEU A 469 -22.70 30.34 22.96
N LYS A 470 -22.99 30.48 24.25
CA LYS A 470 -24.28 30.99 24.69
C LYS A 470 -24.51 32.40 24.12
N GLY A 471 -25.69 32.62 23.53
CA GLY A 471 -26.04 33.90 22.95
C GLY A 471 -25.56 34.05 21.51
N ARG A 472 -24.44 33.42 21.14
CA ARG A 472 -23.88 33.63 19.81
C ARG A 472 -24.87 33.08 18.79
N GLU A 473 -25.07 33.85 17.72
CA GLU A 473 -25.79 33.37 16.55
C GLU A 473 -24.76 32.71 15.66
N ILE A 474 -25.05 31.48 15.23
CA ILE A 474 -24.23 30.73 14.30
C ILE A 474 -25.04 30.51 13.02
N LYS A 475 -24.45 30.85 11.87
CA LYS A 475 -25.10 30.68 10.58
C LYS A 475 -24.68 29.34 10.00
N ALA A 476 -25.66 28.42 9.91
CA ALA A 476 -25.45 27.08 9.38
C ALA A 476 -25.32 27.15 7.87
N PRO A 477 -24.45 26.35 7.20
CA PRO A 477 -23.58 25.38 7.88
C PRO A 477 -22.30 26.02 8.42
N ALA A 478 -21.83 25.53 9.57
CA ALA A 478 -20.63 26.07 10.21
C ALA A 478 -19.73 24.95 10.75
N PHE A 479 -18.56 25.37 11.23
CA PHE A 479 -17.56 24.47 11.74
C PHE A 479 -16.94 25.11 12.97
N ILE A 480 -17.14 24.49 14.14
CA ILE A 480 -16.55 24.97 15.38
C ILE A 480 -15.31 24.12 15.63
N GLU A 481 -14.12 24.74 15.45
CA GLU A 481 -12.81 24.19 15.80
C GLU A 481 -12.09 25.13 16.76
N LYS A 482 -10.91 24.71 17.22
CA LYS A 482 -10.04 25.58 18.00
C LYS A 482 -9.35 26.60 17.07
N PRO B 2 25.76 -2.62 -49.45
CA PRO B 2 26.58 -3.70 -48.87
C PRO B 2 27.62 -4.23 -49.84
N SER B 3 27.19 -4.92 -50.92
CA SER B 3 28.04 -5.57 -51.91
C SER B 3 28.39 -7.00 -51.49
N ALA B 4 28.85 -7.79 -52.47
CA ALA B 4 28.99 -9.23 -52.29
C ALA B 4 30.25 -9.58 -51.49
N GLU B 5 31.37 -8.87 -51.68
CA GLU B 5 32.57 -9.24 -50.95
C GLU B 5 32.47 -8.82 -49.47
N GLU B 6 32.01 -7.58 -49.22
CA GLU B 6 31.70 -7.10 -47.87
C GLU B 6 30.77 -8.11 -47.18
N PHE B 7 29.68 -8.46 -47.87
CA PHE B 7 28.72 -9.38 -47.32
C PHE B 7 29.38 -10.71 -46.98
N GLN B 8 30.22 -11.24 -47.88
CA GLN B 8 30.86 -12.53 -47.68
C GLN B 8 31.75 -12.46 -46.44
N GLN B 9 32.47 -11.35 -46.23
CA GLN B 9 33.39 -11.28 -45.10
C GLN B 9 32.61 -11.43 -43.80
N LEU B 10 31.46 -10.76 -43.72
CA LEU B 10 30.62 -10.80 -42.53
C LEU B 10 30.12 -12.22 -42.29
N ARG B 11 29.52 -12.83 -43.34
CA ARG B 11 28.95 -14.15 -43.29
C ARG B 11 29.98 -15.19 -42.83
N LYS B 12 31.23 -15.01 -43.23
CA LYS B 12 32.29 -15.91 -42.79
C LYS B 12 32.58 -15.71 -41.29
N LYS B 13 32.68 -14.44 -40.87
CA LYS B 13 32.93 -14.09 -39.48
C LYS B 13 31.88 -14.76 -38.59
N TYR B 14 30.63 -14.75 -39.04
CA TYR B 14 29.54 -15.34 -38.28
C TYR B 14 29.60 -16.86 -38.35
N THR B 15 29.84 -17.37 -39.55
CA THR B 15 29.85 -18.81 -39.78
C THR B 15 30.99 -19.48 -39.01
N ASP B 16 32.19 -18.90 -39.05
CA ASP B 16 33.30 -19.33 -38.21
C ASP B 16 32.97 -19.30 -36.71
N ALA B 17 32.11 -18.37 -36.28
CA ALA B 17 31.71 -18.24 -34.88
C ALA B 17 30.49 -19.08 -34.53
N GLY B 18 30.03 -19.94 -35.45
CA GLY B 18 28.97 -20.88 -35.12
C GLY B 18 27.60 -20.22 -35.17
N GLN B 19 27.47 -19.14 -35.92
CA GLN B 19 26.22 -18.40 -35.95
C GLN B 19 25.79 -18.16 -37.41
N GLY B 20 26.17 -19.08 -38.31
CA GLY B 20 25.94 -18.92 -39.73
C GLY B 20 24.46 -19.04 -40.10
N HIS B 21 23.66 -19.66 -39.22
CA HIS B 21 22.22 -19.78 -39.43
C HIS B 21 21.51 -18.43 -39.59
N VAL B 22 22.12 -17.30 -39.17
CA VAL B 22 21.49 -15.99 -39.30
C VAL B 22 21.34 -15.62 -40.77
N PHE B 23 22.08 -16.32 -41.65
CA PHE B 23 22.14 -15.98 -43.07
C PHE B 23 21.27 -16.91 -43.92
N ALA B 24 20.45 -17.75 -43.29
CA ALA B 24 19.88 -18.91 -43.97
C ALA B 24 18.86 -18.47 -45.02
N PHE B 25 18.20 -17.32 -44.78
CA PHE B 25 17.09 -16.90 -45.61
C PHE B 25 17.50 -15.80 -46.59
N VAL B 26 18.81 -15.59 -46.80
CA VAL B 26 19.31 -14.58 -47.73
C VAL B 26 18.81 -14.87 -49.14
N ASP B 27 18.48 -16.14 -49.41
CA ASP B 27 17.88 -16.57 -50.67
C ASP B 27 16.39 -16.27 -50.67
N GLU B 28 16.02 -14.98 -50.74
CA GLU B 28 14.64 -14.53 -50.82
C GLU B 28 14.48 -13.11 -50.28
N LEU B 29 15.49 -12.58 -49.58
CA LEU B 29 15.44 -11.21 -49.07
C LEU B 29 15.55 -10.21 -50.22
N GLN B 30 14.79 -9.12 -50.14
CA GLN B 30 14.90 -8.01 -51.08
C GLN B 30 16.32 -7.43 -50.98
N THR B 31 16.64 -6.58 -51.96
CA THR B 31 17.91 -5.89 -51.99
C THR B 31 18.10 -5.06 -50.71
N GLY B 32 16.98 -4.55 -50.15
CA GLY B 32 16.99 -3.64 -49.02
C GLY B 32 16.90 -4.34 -47.66
N GLU B 33 16.26 -5.53 -47.62
CA GLU B 33 16.20 -6.37 -46.45
C GLU B 33 17.56 -7.02 -46.14
N ARG B 34 18.32 -7.34 -47.20
CA ARG B 34 19.68 -7.86 -47.10
C ARG B 34 20.61 -6.78 -46.55
N SER B 35 20.31 -5.52 -46.86
CA SER B 35 21.12 -4.39 -46.44
C SER B 35 20.94 -4.11 -44.93
N GLN B 36 19.70 -4.22 -44.45
CA GLN B 36 19.37 -4.14 -43.03
C GLN B 36 20.00 -5.29 -42.24
N LEU B 37 19.91 -6.51 -42.77
CA LEU B 37 20.49 -7.66 -42.11
C LEU B 37 22.00 -7.44 -41.99
N PHE B 38 22.65 -6.97 -43.06
CA PHE B 38 24.08 -6.69 -43.07
C PHE B 38 24.47 -5.65 -42.02
N HIS B 39 23.72 -4.54 -41.94
CA HIS B 39 24.13 -3.45 -41.06
C HIS B 39 23.91 -3.82 -39.60
N GLN B 40 22.83 -4.57 -39.32
CA GLN B 40 22.52 -5.00 -37.98
C GLN B 40 23.55 -6.00 -37.48
N LEU B 41 23.85 -7.03 -38.29
CA LEU B 41 24.85 -8.03 -37.93
C LEU B 41 26.24 -7.41 -37.82
N SER B 42 26.53 -6.38 -38.66
CA SER B 42 27.81 -5.68 -38.60
C SER B 42 28.06 -5.01 -37.25
N SER B 43 26.98 -4.68 -36.51
CA SER B 43 27.11 -3.96 -35.25
C SER B 43 27.54 -4.86 -34.09
N PHE B 44 27.37 -6.20 -34.21
CA PHE B 44 27.75 -7.16 -33.18
C PHE B 44 29.03 -7.90 -33.58
N ASP B 45 29.84 -8.26 -32.57
CA ASP B 45 30.97 -9.17 -32.72
C ASP B 45 30.52 -10.55 -32.25
N PRO B 46 30.22 -11.51 -33.15
CA PRO B 46 29.62 -12.77 -32.70
C PRO B 46 30.52 -13.59 -31.78
N VAL B 47 31.85 -13.39 -31.84
CA VAL B 47 32.77 -14.01 -30.89
C VAL B 47 32.44 -13.52 -29.48
N ARG B 48 32.26 -12.21 -29.34
CA ARG B 48 31.92 -11.60 -28.08
C ARG B 48 30.57 -12.12 -27.60
N ILE B 49 29.58 -12.24 -28.50
CA ILE B 49 28.34 -12.88 -28.14
C ILE B 49 28.62 -14.30 -27.62
N ASN B 50 29.48 -15.05 -28.32
CA ASN B 50 29.80 -16.40 -27.90
C ASN B 50 30.37 -16.38 -26.47
N GLU B 51 31.27 -15.45 -26.16
CA GLU B 51 31.95 -15.47 -24.87
C GLU B 51 30.94 -15.19 -23.74
N LEU B 52 30.04 -14.24 -24.02
CA LEU B 52 29.03 -13.80 -23.06
C LEU B 52 27.99 -14.90 -22.85
N ALA B 53 27.60 -15.56 -23.94
CA ALA B 53 26.62 -16.63 -23.88
C ALA B 53 27.21 -17.78 -23.07
N ASP B 54 28.49 -18.09 -23.30
CA ASP B 54 29.14 -19.20 -22.63
C ASP B 54 29.12 -18.99 -21.11
N LYS B 55 29.59 -17.81 -20.67
CA LYS B 55 29.75 -17.54 -19.25
C LYS B 55 28.39 -17.44 -18.56
N ALA B 56 27.39 -16.92 -19.27
CA ALA B 56 26.05 -16.79 -18.71
C ALA B 56 25.40 -18.17 -18.56
N LEU B 57 25.68 -19.08 -19.50
CA LEU B 57 25.07 -20.41 -19.54
C LEU B 57 25.89 -21.39 -18.70
N ASN B 58 27.12 -21.00 -18.31
CA ASN B 58 27.96 -21.81 -17.45
C ASN B 58 28.55 -20.96 -16.32
N PRO B 59 27.76 -20.59 -15.28
CA PRO B 59 28.29 -19.86 -14.13
C PRO B 59 29.43 -20.57 -13.39
N ASP B 63 29.60 -22.19 -3.87
CA ASP B 63 28.63 -22.86 -4.78
C ASP B 63 27.23 -22.74 -4.18
N ASP B 64 27.06 -23.30 -2.97
CA ASP B 64 25.74 -23.58 -2.43
C ASP B 64 25.56 -22.95 -1.04
N GLY B 65 26.50 -23.20 -0.12
CA GLY B 65 26.35 -22.83 1.28
C GLY B 65 25.51 -21.55 1.45
N PRO B 66 24.30 -21.61 2.07
CA PRO B 66 23.40 -20.46 2.13
C PRO B 66 23.90 -19.26 2.95
N ALA B 67 23.57 -18.05 2.46
CA ALA B 67 24.30 -16.84 2.83
C ALA B 67 23.76 -16.24 4.14
N SER B 68 24.58 -15.45 4.84
CA SER B 68 24.13 -14.78 6.05
C SER B 68 23.62 -13.38 5.71
N LEU B 69 22.32 -13.15 6.00
CA LEU B 69 21.63 -11.90 5.69
C LEU B 69 21.45 -11.10 6.98
N GLU B 70 21.86 -9.84 6.95
CA GLU B 70 21.69 -8.92 8.07
C GLU B 70 21.23 -7.57 7.51
N PRO B 71 20.36 -6.81 8.21
CA PRO B 71 20.14 -5.40 7.86
C PRO B 71 21.47 -4.68 7.66
N LEU B 72 21.42 -3.62 6.85
CA LEU B 72 22.52 -2.67 6.72
C LEU B 72 22.75 -2.06 8.10
N PRO B 73 23.99 -1.62 8.43
CA PRO B 73 24.25 -1.09 9.76
C PRO B 73 23.61 0.29 9.85
N ASP B 74 23.23 0.67 11.09
CA ASP B 74 22.52 1.91 11.36
C ASP B 74 23.32 3.11 10.86
N ILE B 75 24.65 2.94 10.80
CA ILE B 75 25.54 3.99 10.34
C ILE B 75 25.25 4.29 8.87
N ALA B 76 24.67 3.34 8.12
CA ALA B 76 24.61 3.52 6.67
C ALA B 76 23.17 3.83 6.25
N THR B 77 22.25 3.90 7.21
CA THR B 77 20.82 4.00 6.90
C THR B 77 20.25 5.27 7.51
N ALA B 78 19.14 5.72 6.91
CA ALA B 78 18.40 6.88 7.34
C ALA B 78 16.97 6.71 6.85
N SER B 79 16.07 7.58 7.29
CA SER B 79 14.67 7.42 6.99
C SER B 79 13.98 8.77 7.09
N ILE B 80 13.16 9.06 6.07
CA ILE B 80 12.29 10.23 6.09
C ILE B 80 11.23 10.05 7.19
N LEU B 81 10.89 8.80 7.50
CA LEU B 81 9.83 8.54 8.47
C LEU B 81 10.34 8.71 9.91
N ASP B 82 11.58 8.25 10.20
CA ASP B 82 12.09 8.07 11.55
C ASP B 82 13.36 8.87 11.82
N SER B 83 14.04 9.45 10.81
CA SER B 83 15.23 10.22 11.10
C SER B 83 14.82 11.52 11.79
N ASP B 84 15.79 12.14 12.45
CA ASP B 84 15.60 13.42 13.13
C ASP B 84 15.22 14.49 12.09
N PRO B 85 14.10 15.24 12.24
CA PRO B 85 13.73 16.29 11.28
C PRO B 85 14.84 17.31 11.02
N LYS B 86 15.67 17.59 12.04
CA LYS B 86 16.78 18.51 11.91
C LYS B 86 17.79 17.97 10.89
N ASP B 87 18.01 16.65 10.87
CA ASP B 87 18.93 16.06 9.90
C ASP B 87 18.33 16.08 8.49
N LEU B 88 17.03 15.74 8.35
CA LEU B 88 16.33 15.79 7.07
C LEU B 88 16.41 17.19 6.43
N GLU B 89 16.21 18.24 7.24
CA GLU B 89 16.29 19.63 6.77
C GLU B 89 17.72 20.00 6.38
N GLN B 90 18.68 19.61 7.21
CA GLN B 90 20.07 19.86 6.90
C GLN B 90 20.42 19.20 5.57
N TRP B 91 20.02 17.91 5.38
CA TRP B 91 20.34 17.22 4.13
C TRP B 91 19.67 17.89 2.91
N TYR B 92 18.42 18.34 3.07
CA TYR B 92 17.68 19.00 2.01
C TYR B 92 18.39 20.29 1.56
N GLU B 93 18.84 21.09 2.54
CA GLU B 93 19.57 22.33 2.29
C GLU B 93 20.92 22.03 1.66
N GLU B 94 21.64 20.98 2.13
CA GLU B 94 22.94 20.66 1.55
C GLU B 94 22.80 20.11 0.11
N GLY B 95 21.76 19.30 -0.14
CA GLY B 95 21.56 18.80 -1.49
C GLY B 95 21.22 19.93 -2.46
N LEU B 96 20.45 20.92 -1.99
CA LEU B 96 20.03 22.01 -2.85
C LEU B 96 21.21 22.94 -3.17
N LYS B 97 22.22 23.03 -2.29
CA LYS B 97 23.37 23.90 -2.57
C LYS B 97 24.26 23.19 -3.59
N LEU B 98 24.29 21.85 -3.55
CA LEU B 98 25.02 21.10 -4.56
C LEU B 98 24.35 21.30 -5.91
N VAL B 99 23.00 21.35 -5.94
CA VAL B 99 22.29 21.64 -7.17
C VAL B 99 22.68 23.02 -7.68
N ALA B 100 22.72 24.00 -6.76
CA ALA B 100 22.97 25.40 -7.04
C ALA B 100 24.38 25.57 -7.60
N GLY B 101 25.35 24.74 -7.16
CA GLY B 101 26.70 24.73 -7.71
C GLY B 101 26.88 23.92 -8.99
N ASN B 102 25.79 23.42 -9.64
CA ASN B 102 25.87 22.68 -10.91
C ASN B 102 26.58 21.33 -10.70
N LYS B 103 26.50 20.76 -9.50
CA LYS B 103 27.27 19.56 -9.19
C LYS B 103 26.43 18.30 -9.40
N VAL B 104 25.13 18.45 -9.72
CA VAL B 104 24.22 17.31 -9.75
C VAL B 104 23.78 17.03 -11.20
N ALA B 105 23.95 15.77 -11.64
CA ALA B 105 23.33 15.21 -12.84
C ALA B 105 22.31 14.12 -12.54
N VAL B 106 21.45 13.86 -13.54
CA VAL B 106 20.48 12.78 -13.49
C VAL B 106 20.72 11.86 -14.69
N VAL B 107 20.74 10.54 -14.47
CA VAL B 107 20.64 9.58 -15.57
C VAL B 107 19.30 8.88 -15.47
N LEU B 108 18.53 8.95 -16.57
CA LEU B 108 17.22 8.35 -16.64
C LEU B 108 17.34 7.05 -17.41
N MET B 109 16.85 5.96 -16.82
CA MET B 109 16.63 4.69 -17.51
C MET B 109 15.28 4.75 -18.22
N ALA B 110 15.28 5.14 -19.51
CA ALA B 110 14.07 5.48 -20.21
C ALA B 110 13.67 4.31 -21.10
N GLY B 111 13.48 4.58 -22.40
CA GLY B 111 13.19 3.53 -23.37
C GLY B 111 12.06 2.62 -22.90
N GLY B 112 12.32 1.30 -22.89
CA GLY B 112 11.35 0.28 -22.51
C GLY B 112 9.97 0.53 -23.10
N GLN B 113 9.93 0.89 -24.40
CA GLN B 113 8.72 1.13 -25.19
C GLN B 113 7.47 0.58 -24.48
N GLY B 114 6.50 1.47 -24.19
CA GLY B 114 5.38 1.13 -23.33
C GLY B 114 4.31 0.30 -24.03
N THR B 115 4.67 -0.95 -24.39
CA THR B 115 3.72 -1.89 -24.97
C THR B 115 3.12 -2.76 -23.85
N ARG B 116 3.64 -2.61 -22.62
CA ARG B 116 2.98 -3.16 -21.45
C ARG B 116 1.59 -2.56 -21.28
N LEU B 117 1.50 -1.23 -21.49
CA LEU B 117 0.38 -0.44 -21.04
C LEU B 117 -0.62 -0.26 -22.20
N SER B 120 3.61 0.70 -29.66
CA SER B 120 3.41 2.04 -29.03
C SER B 120 4.78 2.71 -28.84
N ALA B 121 4.77 3.93 -28.29
CA ALA B 121 5.94 4.80 -28.27
C ALA B 121 6.78 4.55 -27.02
N PRO B 122 7.80 5.40 -26.73
CA PRO B 122 8.53 5.30 -25.46
C PRO B 122 7.62 5.43 -24.24
N LYS B 123 7.95 4.67 -23.20
CA LYS B 123 7.19 4.66 -21.96
C LYS B 123 7.06 6.08 -21.41
N GLY B 124 8.14 6.88 -21.49
CA GLY B 124 8.11 8.26 -21.05
C GLY B 124 7.00 9.10 -21.67
N CYS B 125 6.55 8.76 -22.89
CA CYS B 125 5.48 9.51 -23.52
C CYS B 125 4.12 9.14 -22.95
N PHE B 126 4.04 8.10 -22.10
CA PHE B 126 2.74 7.57 -21.69
C PHE B 126 1.97 8.63 -20.88
N ASP B 127 0.72 8.85 -21.30
CA ASP B 127 -0.22 9.70 -20.60
C ASP B 127 -1.07 8.85 -19.65
N ILE B 128 -0.90 9.03 -18.34
CA ILE B 128 -1.62 8.21 -17.37
C ILE B 128 -3.02 8.78 -17.13
N GLY B 129 -3.44 9.76 -17.95
CA GLY B 129 -4.78 10.31 -17.87
C GLY B 129 -4.95 11.29 -16.71
N LEU B 130 -3.85 11.97 -16.30
CA LEU B 130 -3.97 13.18 -15.50
C LEU B 130 -4.82 14.20 -16.24
N PRO B 131 -5.52 15.14 -15.54
CA PRO B 131 -6.24 16.24 -16.19
C PRO B 131 -5.38 16.94 -17.24
N SER B 132 -4.13 17.27 -16.87
CA SER B 132 -3.23 18.02 -17.73
C SER B 132 -2.82 17.20 -18.95
N HIS B 133 -3.03 15.88 -18.90
CA HIS B 133 -2.65 14.98 -19.98
C HIS B 133 -1.12 14.93 -20.18
N LYS B 134 -0.34 15.34 -19.19
CA LYS B 134 1.12 15.40 -19.32
C LYS B 134 1.71 14.00 -19.30
N SER B 135 2.75 13.81 -20.15
CA SER B 135 3.57 12.60 -20.17
C SER B 135 4.44 12.50 -18.92
N LEU B 136 4.90 11.28 -18.60
CA LEU B 136 5.95 11.04 -17.63
C LEU B 136 7.19 11.93 -17.88
N PHE B 137 7.65 12.02 -19.15
CA PHE B 137 8.79 12.85 -19.50
C PHE B 137 8.52 14.28 -19.06
N GLN B 138 7.32 14.81 -19.38
CA GLN B 138 7.02 16.21 -19.16
C GLN B 138 7.00 16.50 -17.67
N ILE B 139 6.42 15.60 -16.87
CA ILE B 139 6.33 15.80 -15.44
C ILE B 139 7.74 15.83 -14.83
N GLN B 140 8.56 14.86 -15.21
CA GLN B 140 9.92 14.73 -14.71
C GLN B 140 10.72 15.96 -15.09
N ALA B 141 10.58 16.43 -16.36
CA ALA B 141 11.23 17.64 -16.84
C ALA B 141 10.87 18.86 -15.99
N GLU B 142 9.58 18.97 -15.59
CA GLU B 142 9.12 20.14 -14.85
C GLU B 142 9.64 20.10 -13.42
N ARG B 143 9.87 18.89 -12.87
CA ARG B 143 10.43 18.74 -11.54
C ARG B 143 11.87 19.28 -11.55
N ILE B 144 12.61 18.95 -12.62
CA ILE B 144 13.97 19.41 -12.79
C ILE B 144 13.88 20.93 -12.88
N ALA B 145 12.96 21.42 -13.69
CA ALA B 145 12.90 22.89 -13.94
C ALA B 145 12.56 23.64 -12.65
N LYS B 146 11.67 23.04 -11.85
CA LYS B 146 11.32 23.66 -10.58
C LYS B 146 12.50 23.55 -9.61
N LEU B 147 13.21 22.41 -9.58
CA LEU B 147 14.28 22.26 -8.61
C LEU B 147 15.40 23.26 -8.90
N GLN B 148 15.68 23.46 -10.20
CA GLN B 148 16.68 24.44 -10.61
C GLN B 148 16.33 25.84 -10.11
N LEU B 149 15.05 26.22 -10.24
CA LEU B 149 14.54 27.49 -9.76
C LEU B 149 14.68 27.60 -8.24
N LEU B 150 14.33 26.55 -7.49
CA LEU B 150 14.43 26.57 -6.04
C LEU B 150 15.90 26.78 -5.65
N ALA B 151 16.81 26.14 -6.37
CA ALA B 151 18.25 26.29 -6.12
C ALA B 151 18.74 27.72 -6.44
N GLN B 152 18.24 28.30 -7.53
CA GLN B 152 18.60 29.65 -7.92
C GLN B 152 18.27 30.64 -6.79
N ARG B 153 17.24 30.32 -5.99
CA ARG B 153 16.80 31.19 -4.93
C ARG B 153 17.74 31.16 -3.73
N ILE B 154 18.82 30.37 -3.78
CA ILE B 154 19.86 30.50 -2.77
C ILE B 154 21.14 31.02 -3.42
N SER B 155 21.41 30.63 -4.68
CA SER B 155 22.68 31.01 -5.33
C SER B 155 22.61 32.43 -5.88
N GLY B 156 21.46 32.81 -6.43
CA GLY B 156 21.31 34.04 -7.20
C GLY B 156 21.50 33.85 -8.71
N LYS B 157 21.95 32.67 -9.15
CA LYS B 157 22.15 32.45 -10.58
C LYS B 157 21.51 31.13 -11.04
N GLU B 158 21.55 30.88 -12.35
CA GLU B 158 20.99 29.66 -12.93
C GLU B 158 21.68 28.46 -12.28
N ALA B 159 20.88 27.42 -12.04
CA ALA B 159 21.34 26.09 -11.64
C ALA B 159 20.96 25.14 -12.76
N VAL B 160 21.92 24.31 -13.19
CA VAL B 160 21.71 23.32 -14.23
C VAL B 160 21.94 21.93 -13.64
N ILE B 161 20.96 21.06 -13.90
CA ILE B 161 20.95 19.62 -13.68
C ILE B 161 20.86 18.97 -15.05
N PRO B 162 22.01 18.49 -15.60
CA PRO B 162 21.98 17.75 -16.89
C PRO B 162 21.11 16.49 -16.76
N TRP B 163 20.24 16.27 -17.75
CA TRP B 163 19.37 15.11 -17.82
C TRP B 163 19.84 14.21 -18.97
N TYR B 164 20.58 13.17 -18.62
CA TYR B 164 21.02 12.18 -19.58
C TYR B 164 19.99 11.06 -19.68
N VAL B 165 19.30 11.03 -20.82
CA VAL B 165 18.16 10.15 -21.04
C VAL B 165 18.63 8.95 -21.85
N MET B 166 18.78 7.82 -21.16
CA MET B 166 19.33 6.60 -21.72
C MET B 166 18.20 5.73 -22.27
N THR B 167 18.21 5.58 -23.62
CA THR B 167 17.17 4.87 -24.36
C THR B 167 17.74 3.60 -24.98
N SER B 168 16.83 2.77 -25.49
CA SER B 168 17.18 1.67 -26.37
C SER B 168 17.21 2.17 -27.82
N GLY B 169 17.89 1.41 -28.69
CA GLY B 169 17.85 1.60 -30.14
C GLY B 169 16.50 2.08 -30.68
N PRO B 170 15.44 1.22 -30.63
CA PRO B 170 14.12 1.58 -31.17
C PRO B 170 13.49 2.89 -30.67
N THR B 171 13.68 3.18 -29.37
CA THR B 171 13.01 4.32 -28.73
C THR B 171 13.86 5.60 -28.82
N ARG B 172 15.08 5.54 -29.37
CA ARG B 172 15.94 6.72 -29.39
C ARG B 172 15.36 7.85 -30.26
N LYS B 173 15.05 7.57 -31.54
CA LYS B 173 14.62 8.64 -32.43
C LYS B 173 13.24 9.13 -32.03
N PRO B 174 12.27 8.25 -31.67
CA PRO B 174 10.99 8.70 -31.12
C PRO B 174 11.09 9.59 -29.88
N THR B 175 12.09 9.31 -29.02
CA THR B 175 12.30 10.12 -27.82
C THR B 175 12.78 11.52 -28.20
N GLU B 176 13.83 11.59 -29.03
CA GLU B 176 14.30 12.86 -29.59
C GLU B 176 13.17 13.64 -30.27
N GLU B 177 12.37 12.97 -31.11
CA GLU B 177 11.29 13.64 -31.84
C GLU B 177 10.27 14.20 -30.85
N PHE B 178 9.98 13.45 -29.79
CA PHE B 178 8.98 13.87 -28.80
C PHE B 178 9.46 15.11 -28.03
N PHE B 179 10.73 15.06 -27.59
CA PHE B 179 11.33 16.15 -26.86
C PHE B 179 11.36 17.38 -27.76
N GLU B 180 11.63 17.15 -29.07
CA GLU B 180 11.71 18.25 -30.03
C GLU B 180 10.32 18.86 -30.22
N GLN B 181 9.31 18.01 -30.38
CA GLN B 181 7.92 18.43 -30.45
C GLN B 181 7.51 19.29 -29.24
N HIS B 182 7.98 18.98 -28.02
CA HIS B 182 7.60 19.78 -26.88
C HIS B 182 8.65 20.84 -26.52
N LYS B 183 9.63 21.04 -27.41
CA LYS B 183 10.62 22.09 -27.26
C LYS B 183 11.35 21.98 -25.90
N TYR B 184 11.61 20.74 -25.51
CA TYR B 184 12.46 20.37 -24.39
C TYR B 184 11.86 20.81 -23.05
N PHE B 185 10.55 21.14 -23.04
CA PHE B 185 9.74 21.15 -21.82
C PHE B 185 10.08 22.32 -20.90
N GLY B 186 10.87 23.28 -21.41
CA GLY B 186 11.33 24.36 -20.56
C GLY B 186 12.79 24.22 -20.13
N LEU B 187 13.41 23.07 -20.39
CA LEU B 187 14.83 22.90 -20.14
C LEU B 187 15.61 23.38 -21.38
N ASN B 188 16.88 23.77 -21.20
CA ASN B 188 17.73 24.06 -22.34
C ASN B 188 18.03 22.77 -23.09
N LYS B 189 17.96 22.83 -24.42
CA LYS B 189 18.30 21.70 -25.25
C LYS B 189 19.70 21.16 -24.90
N SER B 190 20.67 22.04 -24.60
CA SER B 190 22.00 21.57 -24.25
C SER B 190 22.00 20.75 -22.96
N ASP B 191 20.93 20.77 -22.18
CA ASP B 191 20.99 20.13 -20.86
C ASP B 191 20.11 18.87 -20.81
N VAL B 192 19.61 18.44 -21.95
CA VAL B 192 18.90 17.17 -22.09
C VAL B 192 19.65 16.36 -23.15
N ILE B 193 20.28 15.24 -22.75
CA ILE B 193 21.17 14.50 -23.62
C ILE B 193 20.60 13.11 -23.75
N ILE B 194 20.03 12.82 -24.93
CA ILE B 194 19.46 11.53 -25.23
C ILE B 194 20.60 10.67 -25.78
N PHE B 195 20.86 9.53 -25.14
CA PHE B 195 21.93 8.62 -25.55
C PHE B 195 21.43 7.17 -25.43
N GLU B 196 22.23 6.20 -25.85
CA GLU B 196 21.75 4.84 -26.06
C GLU B 196 22.50 3.91 -25.11
N GLN B 197 21.81 2.92 -24.55
CA GLN B 197 22.54 1.81 -23.95
C GLN B 197 22.74 0.73 -25.01
N GLY B 198 23.72 -0.14 -24.73
CA GLY B 198 23.99 -1.31 -25.54
C GLY B 198 22.79 -2.23 -25.71
N VAL B 199 22.80 -2.97 -26.82
CA VAL B 199 21.89 -4.09 -27.01
C VAL B 199 22.76 -5.33 -27.25
N LEU B 200 22.13 -6.48 -27.00
CA LEU B 200 22.72 -7.77 -27.36
C LEU B 200 21.66 -8.56 -28.13
N PRO B 201 22.08 -9.49 -29.03
CA PRO B 201 21.18 -10.49 -29.58
C PRO B 201 20.56 -11.35 -28.48
N CYS B 202 19.29 -11.65 -28.59
CA CYS B 202 18.68 -12.72 -27.80
C CYS B 202 19.18 -14.07 -28.30
N ILE B 203 19.29 -15.06 -27.39
CA ILE B 203 19.94 -16.33 -27.72
C ILE B 203 19.02 -17.49 -27.31
N SER B 204 19.18 -18.65 -27.98
CA SER B 204 18.55 -19.90 -27.58
C SER B 204 19.29 -20.49 -26.38
N ASN B 205 18.76 -21.60 -25.85
CA ASN B 205 19.40 -22.35 -24.77
C ASN B 205 20.79 -22.85 -25.16
N GLU B 206 21.05 -23.04 -26.46
CA GLU B 206 22.33 -23.59 -26.88
C GLU B 206 23.30 -22.46 -27.24
N GLY B 207 22.81 -21.21 -27.19
CA GLY B 207 23.65 -20.02 -27.34
C GLY B 207 23.65 -19.48 -28.78
N LYS B 208 22.69 -19.92 -29.58
CA LYS B 208 22.59 -19.50 -30.97
C LYS B 208 21.65 -18.31 -31.09
N ILE B 209 22.02 -17.37 -31.96
CA ILE B 209 21.33 -16.11 -32.10
C ILE B 209 19.92 -16.31 -32.66
N LEU B 210 18.95 -15.71 -31.99
CA LEU B 210 17.55 -15.80 -32.39
C LEU B 210 17.28 -14.74 -33.44
N MET B 211 16.51 -15.14 -34.47
CA MET B 211 16.06 -14.28 -35.55
C MET B 211 14.62 -13.84 -35.29
N GLU B 212 14.36 -12.53 -35.41
CA GLU B 212 13.01 -12.00 -35.26
C GLU B 212 12.27 -12.23 -36.57
N SER B 213 12.78 -11.62 -37.65
CA SER B 213 12.34 -11.89 -39.00
C SER B 213 13.48 -12.52 -39.80
N LYS B 214 13.19 -12.95 -41.03
CA LYS B 214 14.17 -13.58 -41.91
C LYS B 214 15.35 -12.64 -42.17
N PHE B 215 15.17 -11.32 -41.95
CA PHE B 215 16.19 -10.32 -42.25
C PHE B 215 16.60 -9.51 -41.02
N LYS B 216 16.21 -9.95 -39.80
CA LYS B 216 16.49 -9.18 -38.60
C LYS B 216 16.58 -10.06 -37.35
N VAL B 217 17.68 -9.88 -36.62
CA VAL B 217 17.96 -10.60 -35.38
C VAL B 217 17.07 -10.04 -34.27
N ALA B 218 16.65 -10.89 -33.31
CA ALA B 218 16.04 -10.41 -32.08
C ALA B 218 17.12 -9.83 -31.15
N VAL B 219 16.89 -8.58 -30.71
CA VAL B 219 17.81 -7.86 -29.84
C VAL B 219 17.07 -7.40 -28.59
N ALA B 220 17.85 -7.10 -27.55
CA ALA B 220 17.33 -6.56 -26.32
C ALA B 220 18.40 -5.70 -25.68
N PRO B 221 18.00 -4.70 -24.87
CA PRO B 221 18.97 -3.90 -24.12
C PRO B 221 19.65 -4.80 -23.08
N ASP B 222 20.90 -4.48 -22.76
CA ASP B 222 21.78 -5.34 -21.99
C ASP B 222 21.58 -5.21 -20.48
N GLY B 223 20.36 -4.89 -20.03
CA GLY B 223 20.06 -4.75 -18.60
C GLY B 223 20.40 -3.37 -18.03
N ASN B 224 19.82 -3.06 -16.85
CA ASN B 224 20.11 -1.79 -16.16
C ASN B 224 21.59 -1.69 -15.80
N GLY B 225 22.29 -2.82 -15.58
CA GLY B 225 23.72 -2.77 -15.34
C GLY B 225 24.57 -2.32 -16.52
N GLY B 226 23.99 -2.27 -17.72
CA GLY B 226 24.63 -1.74 -18.92
C GLY B 226 24.92 -0.24 -18.81
N ILE B 227 24.25 0.43 -17.86
CA ILE B 227 24.44 1.85 -17.68
C ILE B 227 25.93 2.20 -17.64
N TYR B 228 26.75 1.38 -16.96
CA TYR B 228 28.11 1.79 -16.61
C TYR B 228 28.97 1.94 -17.88
N GLN B 229 28.96 0.90 -18.73
CA GLN B 229 29.68 0.90 -19.99
C GLN B 229 29.10 1.97 -20.93
N ALA B 230 27.76 2.11 -20.93
CA ALA B 230 27.12 3.10 -21.80
C ALA B 230 27.61 4.52 -21.50
N LEU B 231 27.91 4.85 -20.23
CA LEU B 231 28.31 6.21 -19.88
C LEU B 231 29.66 6.51 -20.51
N LEU B 232 30.49 5.48 -20.65
CA LEU B 232 31.80 5.66 -21.27
C LEU B 232 31.62 5.84 -22.78
N THR B 233 31.00 4.84 -23.41
CA THR B 233 30.82 4.76 -24.87
C THR B 233 30.14 6.01 -25.44
N SER B 234 29.10 6.50 -24.75
CA SER B 234 28.29 7.60 -25.27
C SER B 234 29.04 8.93 -25.22
N GLY B 235 30.11 9.03 -24.42
CA GLY B 235 30.70 10.31 -24.07
C GLY B 235 29.98 11.03 -22.93
N VAL B 236 29.01 10.38 -22.28
CA VAL B 236 28.28 10.99 -21.17
C VAL B 236 29.22 11.23 -20.00
N ARG B 237 30.01 10.23 -19.60
CA ARG B 237 30.91 10.49 -18.50
C ARG B 237 31.85 11.67 -18.76
N GLU B 238 32.33 11.80 -20.00
CA GLU B 238 33.24 12.87 -20.32
C GLU B 238 32.49 14.20 -20.19
N ASP B 239 31.22 14.22 -20.65
CA ASP B 239 30.43 15.44 -20.53
C ASP B 239 30.22 15.83 -19.06
N MET B 240 29.94 14.85 -18.17
CA MET B 240 29.81 15.11 -16.74
C MET B 240 31.09 15.76 -16.19
N ARG B 241 32.26 15.24 -16.60
CA ARG B 241 33.53 15.75 -16.11
C ARG B 241 33.76 17.20 -16.51
N LYS B 242 33.56 17.55 -17.80
CA LYS B 242 33.64 18.93 -18.27
C LYS B 242 32.72 19.87 -17.52
N ARG B 243 31.54 19.39 -17.06
CA ARG B 243 30.59 20.25 -16.35
C ARG B 243 30.98 20.39 -14.89
N GLY B 244 31.89 19.54 -14.38
CA GLY B 244 32.19 19.49 -12.96
C GLY B 244 31.11 18.77 -12.14
N ILE B 245 30.46 17.71 -12.65
CA ILE B 245 29.49 16.89 -11.91
C ILE B 245 30.18 16.06 -10.81
N GLU B 246 29.70 16.13 -9.55
CA GLU B 246 30.18 15.29 -8.46
C GLU B 246 29.12 14.29 -7.98
N HIS B 247 27.84 14.50 -8.29
CA HIS B 247 26.80 13.67 -7.69
C HIS B 247 25.83 13.31 -8.80
N ILE B 248 25.49 12.03 -8.95
CA ILE B 248 24.56 11.59 -9.98
C ILE B 248 23.40 10.82 -9.35
N HIS B 249 22.18 11.22 -9.75
CA HIS B 249 20.98 10.48 -9.40
C HIS B 249 20.49 9.69 -10.62
N THR B 250 20.15 8.42 -10.41
CA THR B 250 19.69 7.50 -11.43
C THR B 250 18.33 6.94 -11.03
N TYR B 251 17.45 6.77 -12.01
CA TYR B 251 16.15 6.19 -11.71
C TYR B 251 15.49 5.75 -13.02
N CYS B 252 14.36 5.06 -12.90
CA CYS B 252 13.63 4.54 -14.04
CA CYS B 252 13.63 4.53 -14.03
C CYS B 252 12.39 5.40 -14.31
N VAL B 253 12.12 5.64 -15.58
CA VAL B 253 11.12 6.59 -16.07
C VAL B 253 9.71 6.25 -15.60
N ASP B 254 9.45 4.95 -15.38
CA ASP B 254 8.12 4.48 -15.02
C ASP B 254 7.77 4.76 -13.56
N ASN B 255 8.64 5.42 -12.77
CA ASN B 255 8.23 5.86 -11.45
C ASN B 255 7.62 7.25 -11.57
N CYS B 256 6.29 7.30 -11.59
CA CYS B 256 5.60 8.53 -11.92
CA CYS B 256 5.53 8.50 -11.88
C CYS B 256 5.70 9.57 -10.79
N LEU B 257 6.05 9.15 -9.56
CA LEU B 257 6.24 10.04 -8.42
C LEU B 257 7.70 10.49 -8.21
N VAL B 258 8.63 10.18 -9.10
CA VAL B 258 10.04 10.29 -8.78
C VAL B 258 10.34 11.74 -8.40
N LYS B 259 10.96 11.90 -7.23
CA LYS B 259 11.58 13.18 -6.90
C LYS B 259 12.93 13.27 -7.64
N VAL B 260 12.92 13.90 -8.82
CA VAL B 260 14.09 13.92 -9.66
C VAL B 260 15.17 14.73 -8.94
N ALA B 261 16.38 14.16 -8.77
CA ALA B 261 17.51 14.87 -8.23
C ALA B 261 17.22 15.27 -6.79
N ASP B 262 16.54 14.39 -6.04
CA ASP B 262 15.96 14.75 -4.75
C ASP B 262 17.05 15.30 -3.83
N PRO B 263 16.92 16.55 -3.33
CA PRO B 263 17.98 17.16 -2.53
C PRO B 263 18.25 16.44 -1.22
N VAL B 264 17.24 15.79 -0.61
CA VAL B 264 17.51 15.09 0.64
C VAL B 264 18.44 13.91 0.37
N PHE B 265 18.13 13.17 -0.71
CA PHE B 265 18.91 11.99 -1.10
C PHE B 265 20.35 12.39 -1.38
N ILE B 266 20.55 13.42 -2.20
CA ILE B 266 21.90 13.82 -2.58
C ILE B 266 22.67 14.27 -1.36
N GLY B 267 22.04 15.14 -0.59
CA GLY B 267 22.62 15.74 0.60
C GLY B 267 22.98 14.66 1.61
N PHE B 268 22.04 13.71 1.81
CA PHE B 268 22.27 12.54 2.65
C PHE B 268 23.51 11.75 2.23
N ALA B 269 23.58 11.33 0.95
CA ALA B 269 24.68 10.58 0.38
C ALA B 269 26.01 11.35 0.46
N ALA B 270 26.02 12.58 0.00
CA ALA B 270 27.20 13.45 -0.02
C ALA B 270 27.76 13.63 1.40
N SER B 271 26.86 13.74 2.39
CA SER B 271 27.25 13.91 3.79
C SER B 271 28.04 12.70 4.29
N LYS B 272 27.75 11.50 3.80
CA LYS B 272 28.47 10.30 4.21
C LYS B 272 29.66 10.02 3.30
N GLN B 273 29.75 10.76 2.18
CA GLN B 273 30.84 10.63 1.20
C GLN B 273 30.88 9.20 0.63
N VAL B 274 29.70 8.65 0.36
CA VAL B 274 29.61 7.31 -0.20
C VAL B 274 29.84 7.36 -1.70
N ASP B 275 30.15 6.20 -2.28
CA ASP B 275 30.23 6.06 -3.72
C ASP B 275 28.86 5.66 -4.29
N ILE B 276 28.05 4.88 -3.51
CA ILE B 276 26.73 4.46 -3.96
C ILE B 276 25.77 4.61 -2.77
N ALA B 277 24.54 5.05 -3.08
CA ALA B 277 23.47 5.09 -2.13
C ALA B 277 22.18 4.67 -2.84
N THR B 278 21.29 4.11 -2.07
CA THR B 278 20.03 3.63 -2.61
C THR B 278 18.88 4.27 -1.85
N LYS B 279 17.71 4.33 -2.52
CA LYS B 279 16.47 4.71 -1.87
C LYS B 279 15.59 3.48 -1.83
N VAL B 280 14.93 3.31 -0.68
CA VAL B 280 13.99 2.22 -0.51
C VAL B 280 12.70 2.77 0.06
N VAL B 281 11.60 2.03 -0.12
CA VAL B 281 10.35 2.30 0.58
C VAL B 281 10.20 1.23 1.65
N ARG B 282 9.20 1.37 2.52
CA ARG B 282 9.06 0.42 3.63
C ARG B 282 8.22 -0.79 3.22
N LYS B 283 8.83 -1.99 3.30
CA LYS B 283 8.05 -3.22 3.32
C LYS B 283 7.36 -3.33 4.69
N ARG B 284 6.03 -3.30 4.68
CA ARG B 284 5.23 -3.31 5.91
C ARG B 284 4.82 -4.74 6.32
N ASN B 285 4.44 -5.56 5.34
CA ASN B 285 4.02 -6.93 5.55
C ASN B 285 5.12 -7.91 5.13
N ALA B 286 5.44 -8.84 6.04
CA ALA B 286 6.48 -9.85 5.85
C ALA B 286 6.34 -10.66 4.56
N THR B 287 5.16 -10.71 3.93
CA THR B 287 4.91 -11.56 2.76
C THR B 287 5.07 -10.83 1.42
N GLU B 288 5.27 -9.51 1.42
CA GLU B 288 5.38 -8.75 0.17
C GLU B 288 6.52 -9.33 -0.68
N SER B 289 6.28 -9.41 -1.99
CA SER B 289 7.26 -9.92 -2.94
C SER B 289 8.09 -8.77 -3.51
N VAL B 290 9.09 -8.36 -2.74
CA VAL B 290 9.91 -7.23 -3.13
C VAL B 290 11.36 -7.58 -2.81
N GLY B 291 12.27 -7.13 -3.66
CA GLY B 291 13.69 -7.26 -3.40
C GLY B 291 14.08 -6.34 -2.25
N LEU B 292 15.13 -6.73 -1.50
CA LEU B 292 15.48 -6.06 -0.26
C LEU B 292 16.94 -5.67 -0.34
N ILE B 293 17.25 -4.42 0.01
CA ILE B 293 18.63 -4.03 0.21
C ILE B 293 19.02 -4.43 1.62
N LEU B 294 20.18 -5.07 1.76
CA LEU B 294 20.61 -5.60 3.04
C LEU B 294 22.10 -5.95 2.94
N GLN B 295 22.67 -6.36 4.07
CA GLN B 295 24.04 -6.84 4.13
C GLN B 295 24.03 -8.35 3.88
N LYS B 296 24.46 -8.77 2.70
CA LYS B 296 24.52 -10.18 2.37
C LYS B 296 25.98 -10.61 2.43
N ASN B 297 26.33 -11.37 3.48
CA ASN B 297 27.68 -11.89 3.68
C ASN B 297 28.64 -10.73 3.95
N GLY B 298 28.19 -9.78 4.78
CA GLY B 298 29.01 -8.65 5.19
C GLY B 298 29.28 -7.63 4.07
N LYS B 299 28.56 -7.72 2.94
CA LYS B 299 28.66 -6.73 1.87
C LYS B 299 27.28 -6.18 1.52
N PRO B 300 27.18 -4.94 0.94
CA PRO B 300 25.90 -4.36 0.55
C PRO B 300 25.36 -5.07 -0.68
N ASP B 301 24.08 -5.49 -0.67
CA ASP B 301 23.55 -6.29 -1.76
C ASP B 301 22.02 -6.16 -1.85
N VAL B 302 21.45 -6.52 -2.99
CA VAL B 302 20.01 -6.62 -3.19
C VAL B 302 19.67 -8.10 -3.36
N VAL B 303 18.72 -8.58 -2.56
CA VAL B 303 18.39 -9.99 -2.55
C VAL B 303 16.92 -10.13 -2.91
N GLU B 304 16.64 -10.86 -3.99
CA GLU B 304 15.28 -11.10 -4.43
C GLU B 304 14.53 -11.74 -3.27
N TYR B 305 13.22 -11.58 -3.31
CA TYR B 305 12.34 -12.04 -2.25
C TYR B 305 12.38 -13.58 -2.15
N SER B 306 12.56 -14.26 -3.28
CA SER B 306 12.60 -15.71 -3.31
C SER B 306 13.74 -16.29 -2.47
N GLU B 307 14.82 -15.50 -2.23
CA GLU B 307 15.96 -15.99 -1.46
C GLU B 307 15.85 -15.63 0.01
N ILE B 308 14.63 -15.43 0.51
CA ILE B 308 14.38 -15.01 1.88
C ILE B 308 13.44 -16.04 2.53
N ASP B 309 13.78 -16.46 3.76
CA ASP B 309 13.03 -17.43 4.55
C ASP B 309 11.58 -17.01 4.82
N LYS B 310 10.94 -17.73 5.75
CA LYS B 310 9.85 -17.21 6.56
C LYS B 310 10.42 -16.61 7.85
N GLU B 311 11.43 -17.27 8.44
CA GLU B 311 12.06 -16.77 9.66
C GLU B 311 12.51 -15.32 9.43
N THR B 312 13.45 -15.11 8.48
CA THR B 312 14.04 -13.80 8.21
C THR B 312 12.99 -12.79 7.70
N ALA B 313 11.95 -13.28 6.99
CA ALA B 313 10.94 -12.40 6.40
C ALA B 313 10.05 -11.75 7.46
N GLU B 314 9.74 -12.52 8.53
CA GLU B 314 8.77 -12.11 9.54
C GLU B 314 9.44 -11.45 10.74
N ALA B 315 10.78 -11.51 10.82
CA ALA B 315 11.49 -11.09 12.01
C ALA B 315 11.33 -9.59 12.26
N LYS B 316 10.97 -9.25 13.50
CA LYS B 316 10.74 -7.87 13.93
C LYS B 316 12.08 -7.23 14.29
N ASP B 317 12.21 -5.93 13.99
CA ASP B 317 13.42 -5.19 14.34
C ASP B 317 13.56 -5.26 15.86
N PRO B 318 14.66 -5.83 16.42
CA PRO B 318 14.99 -5.63 17.83
C PRO B 318 14.82 -4.17 18.27
N LYS B 319 15.65 -3.26 17.72
CA LYS B 319 15.82 -1.91 18.22
C LYS B 319 14.63 -0.99 17.88
N GLN B 320 13.49 -1.54 17.42
CA GLN B 320 12.30 -0.81 17.00
C GLN B 320 11.27 -1.84 16.57
N PRO B 321 10.71 -2.61 17.51
CA PRO B 321 10.02 -3.86 17.15
C PRO B 321 8.60 -3.76 16.60
N ASP B 322 8.19 -2.60 16.09
CA ASP B 322 6.91 -2.49 15.41
C ASP B 322 7.08 -2.52 13.88
N VAL B 323 8.33 -2.64 13.39
CA VAL B 323 8.64 -2.74 11.97
C VAL B 323 9.37 -4.07 11.71
N LEU B 324 9.39 -4.52 10.44
CA LEU B 324 10.18 -5.68 10.09
C LEU B 324 11.66 -5.32 10.17
N LYS B 325 12.48 -6.32 10.52
CA LYS B 325 13.94 -6.14 10.58
C LYS B 325 14.51 -5.93 9.19
N PHE B 326 13.90 -6.59 8.19
CA PHE B 326 14.31 -6.52 6.79
C PHE B 326 13.16 -5.87 6.02
N ARG B 327 13.23 -4.53 5.88
CA ARG B 327 12.10 -3.77 5.38
C ARG B 327 12.49 -2.81 4.25
N ALA B 328 13.76 -2.83 3.79
CA ALA B 328 14.25 -1.89 2.79
C ALA B 328 13.97 -2.38 1.36
N ALA B 329 12.76 -2.11 0.86
CA ALA B 329 12.32 -2.53 -0.45
C ALA B 329 12.92 -1.65 -1.56
N ASN B 330 13.61 -2.31 -2.50
CA ASN B 330 14.37 -1.64 -3.54
C ASN B 330 13.40 -0.95 -4.50
N ILE B 331 13.66 0.32 -4.86
CA ILE B 331 12.87 1.01 -5.88
C ILE B 331 13.75 1.50 -7.03
N VAL B 332 14.93 0.90 -7.21
CA VAL B 332 15.76 1.14 -8.39
C VAL B 332 15.98 2.65 -8.54
N ASN B 333 16.48 3.24 -7.47
CA ASN B 333 16.66 4.69 -7.39
C ASN B 333 17.94 4.92 -6.62
N HIS B 334 18.99 5.33 -7.36
CA HIS B 334 20.35 5.25 -6.87
C HIS B 334 21.05 6.59 -6.91
N TYR B 335 22.07 6.70 -6.06
CA TYR B 335 23.03 7.79 -6.08
C TYR B 335 24.41 7.22 -6.35
N TYR B 336 25.20 7.95 -7.14
CA TYR B 336 26.62 7.68 -7.34
C TYR B 336 27.45 8.96 -7.13
N SER B 337 28.67 8.79 -6.61
CA SER B 337 29.66 9.84 -6.72
C SER B 337 30.24 9.82 -8.14
N PHE B 338 30.67 10.99 -8.64
CA PHE B 338 31.44 10.97 -9.87
C PHE B 338 32.75 10.17 -9.75
N LYS B 339 33.40 10.22 -8.59
CA LYS B 339 34.55 9.36 -8.29
C LYS B 339 34.23 7.91 -8.65
N PHE B 340 33.03 7.41 -8.28
CA PHE B 340 32.65 6.04 -8.61
C PHE B 340 32.63 5.77 -10.12
N PHE B 341 32.22 6.77 -10.91
CA PHE B 341 32.14 6.67 -12.36
C PHE B 341 33.54 6.72 -13.01
N GLU B 342 34.52 7.37 -12.37
CA GLU B 342 35.87 7.41 -12.93
C GLU B 342 36.56 6.04 -12.84
N SER B 343 35.99 5.14 -12.02
CA SER B 343 36.53 3.83 -11.75
C SER B 343 35.91 2.75 -12.63
N ILE B 344 34.95 3.10 -13.53
CA ILE B 344 34.19 2.09 -14.27
C ILE B 344 35.11 1.13 -15.04
N GLU B 345 36.21 1.63 -15.63
CA GLU B 345 37.13 0.80 -16.41
C GLU B 345 37.71 -0.35 -15.58
N LEU B 346 38.02 -0.11 -14.30
CA LEU B 346 38.72 -1.06 -13.47
C LEU B 346 37.88 -2.32 -13.25
N TRP B 347 36.55 -2.22 -13.39
CA TRP B 347 35.70 -3.34 -13.01
C TRP B 347 34.58 -3.61 -14.03
N ALA B 348 34.50 -2.81 -15.10
CA ALA B 348 33.41 -2.90 -16.06
C ALA B 348 33.19 -4.34 -16.53
N HIS B 349 34.30 -5.03 -16.83
CA HIS B 349 34.31 -6.39 -17.35
C HIS B 349 33.91 -7.43 -16.31
N LYS B 350 34.17 -7.17 -15.01
CA LYS B 350 33.83 -8.06 -13.91
C LYS B 350 32.31 -8.14 -13.67
N LEU B 351 31.53 -7.31 -14.37
CA LEU B 351 30.08 -7.35 -14.26
C LEU B 351 29.57 -8.44 -15.20
N PRO B 352 28.95 -9.52 -14.68
CA PRO B 352 28.52 -10.62 -15.52
C PRO B 352 27.19 -10.29 -16.19
N HIS B 353 27.04 -10.72 -17.47
CA HIS B 353 25.73 -10.87 -18.08
C HIS B 353 25.06 -12.14 -17.54
N HIS B 354 23.88 -11.98 -16.93
CA HIS B 354 23.07 -13.10 -16.47
C HIS B 354 22.02 -13.45 -17.51
N VAL B 355 21.38 -14.63 -17.38
CA VAL B 355 20.34 -15.05 -18.31
C VAL B 355 19.00 -14.49 -17.83
N ALA B 356 18.09 -14.22 -18.78
CA ALA B 356 16.74 -13.79 -18.45
C ALA B 356 15.77 -14.40 -19.46
N ARG B 357 15.08 -15.47 -19.04
CA ARG B 357 14.42 -16.38 -19.97
C ARG B 357 13.07 -15.83 -20.42
N LYS B 358 13.10 -14.75 -21.20
CA LYS B 358 11.89 -14.16 -21.78
C LYS B 358 11.27 -15.13 -22.79
N LYS B 359 9.98 -14.94 -23.09
CA LYS B 359 9.29 -15.66 -24.15
C LYS B 359 9.38 -14.84 -25.44
N ILE B 360 10.33 -15.18 -26.33
CA ILE B 360 10.70 -14.34 -27.46
C ILE B 360 10.15 -14.95 -28.75
N PRO B 361 9.35 -14.21 -29.56
CA PRO B 361 8.92 -14.70 -30.87
C PRO B 361 10.04 -14.69 -31.92
N CYS B 362 10.29 -15.86 -32.53
CA CYS B 362 11.30 -16.00 -33.59
C CYS B 362 10.82 -16.96 -34.67
N ILE B 363 11.56 -17.01 -35.79
CA ILE B 363 11.23 -17.82 -36.96
C ILE B 363 10.62 -19.16 -36.50
N PRO B 376 7.88 -18.46 -22.68
CA PRO B 376 9.27 -18.60 -22.22
C PRO B 376 10.06 -19.66 -23.00
N ASN B 377 11.16 -19.26 -23.65
CA ASN B 377 11.97 -20.18 -24.44
C ASN B 377 13.38 -19.63 -24.71
N GLY B 378 13.48 -18.36 -25.16
CA GLY B 378 14.75 -17.73 -25.51
C GLY B 378 15.44 -17.10 -24.30
N ILE B 379 16.50 -16.31 -24.53
CA ILE B 379 17.31 -15.73 -23.46
C ILE B 379 17.75 -14.33 -23.86
N LYS B 380 17.49 -13.35 -22.98
CA LYS B 380 18.14 -12.05 -22.99
C LYS B 380 19.29 -12.09 -21.96
N LEU B 381 20.46 -11.57 -22.36
CA LEU B 381 21.61 -11.47 -21.49
C LEU B 381 21.61 -10.08 -20.86
N GLU B 382 21.57 -10.00 -19.51
CA GLU B 382 21.41 -8.73 -18.80
C GLU B 382 22.43 -8.58 -17.68
N GLN B 383 23.06 -7.42 -17.62
CA GLN B 383 23.88 -7.02 -16.48
C GLN B 383 22.97 -6.28 -15.50
N PHE B 384 23.27 -6.40 -14.20
CA PHE B 384 22.42 -5.84 -13.16
C PHE B 384 23.17 -4.75 -12.43
N VAL B 385 22.41 -3.69 -12.09
CA VAL B 385 22.95 -2.42 -11.61
C VAL B 385 23.50 -2.62 -10.20
N PHE B 386 22.91 -3.57 -9.46
CA PHE B 386 23.21 -3.81 -8.06
C PHE B 386 24.34 -4.84 -7.88
N ASP B 387 24.76 -5.50 -8.97
CA ASP B 387 25.83 -6.48 -8.86
C ASP B 387 27.13 -5.81 -8.50
N VAL B 388 27.16 -4.47 -8.48
CA VAL B 388 28.33 -3.69 -8.12
C VAL B 388 28.32 -3.38 -6.61
N PHE B 389 27.14 -3.49 -5.98
CA PHE B 389 26.99 -3.19 -4.56
C PHE B 389 27.92 -4.06 -3.69
N PRO B 390 27.98 -5.42 -3.81
CA PRO B 390 28.82 -6.21 -2.91
C PRO B 390 30.31 -5.89 -3.07
N MET B 391 30.66 -5.37 -4.26
CA MET B 391 32.00 -4.93 -4.61
C MET B 391 32.36 -3.63 -3.91
N THR B 392 31.36 -2.93 -3.36
CA THR B 392 31.56 -1.63 -2.71
C THR B 392 31.73 -1.84 -1.21
N PRO B 393 32.79 -1.27 -0.57
CA PRO B 393 32.92 -1.33 0.89
C PRO B 393 31.75 -0.69 1.66
N LEU B 394 31.47 -1.28 2.82
CA LEU B 394 30.25 -1.02 3.56
C LEU B 394 30.18 0.47 3.95
N GLU B 395 31.35 1.09 4.21
CA GLU B 395 31.41 2.49 4.61
C GLU B 395 31.21 3.43 3.42
N LYS B 396 31.24 2.90 2.19
CA LYS B 396 31.08 3.69 0.96
C LYS B 396 29.68 3.46 0.39
N PHE B 397 28.79 2.86 1.21
CA PHE B 397 27.43 2.57 0.76
C PHE B 397 26.44 3.20 1.75
N ALA B 398 25.26 3.62 1.26
CA ALA B 398 24.20 4.09 2.15
C ALA B 398 22.82 3.88 1.54
N CYS B 399 21.80 4.10 2.37
CA CYS B 399 20.43 3.67 2.10
C CYS B 399 19.51 4.57 2.89
N ILE B 400 18.54 5.18 2.19
CA ILE B 400 17.55 6.01 2.84
C ILE B 400 16.18 5.47 2.47
N GLU B 401 15.36 5.31 3.52
CA GLU B 401 13.98 4.93 3.47
C GLU B 401 13.15 6.19 3.28
N VAL B 402 12.25 6.15 2.28
CA VAL B 402 11.38 7.26 1.99
C VAL B 402 9.92 6.84 2.05
N ARG B 403 9.03 7.84 1.85
CA ARG B 403 7.60 7.60 1.92
C ARG B 403 7.07 7.22 0.55
N ARG B 404 6.70 5.95 0.41
CA ARG B 404 6.16 5.42 -0.81
C ARG B 404 5.17 6.39 -1.46
N GLU B 405 4.23 6.93 -0.67
CA GLU B 405 3.09 7.68 -1.21
C GLU B 405 3.54 9.04 -1.75
N ASP B 406 4.79 9.44 -1.44
CA ASP B 406 5.36 10.67 -1.95
C ASP B 406 6.41 10.45 -3.07
N GLU B 407 6.85 9.20 -3.27
CA GLU B 407 8.15 8.95 -3.89
C GLU B 407 8.18 7.80 -4.92
N PHE B 408 7.16 6.95 -4.96
CA PHE B 408 7.24 5.72 -5.70
C PHE B 408 5.85 5.30 -6.17
N SER B 409 5.58 5.48 -7.48
CA SER B 409 4.33 5.02 -8.06
C SER B 409 4.56 4.46 -9.46
N PRO B 410 5.00 3.18 -9.55
CA PRO B 410 5.49 2.57 -10.78
C PRO B 410 4.38 2.20 -11.77
N LEU B 411 4.55 2.63 -13.01
CA LEU B 411 3.68 2.27 -14.12
C LEU B 411 4.23 1.01 -14.77
N LYS B 412 3.64 -0.15 -14.43
CA LYS B 412 4.11 -1.45 -14.92
C LYS B 412 3.12 -2.09 -15.90
N ASN B 413 1.81 -1.85 -15.67
CA ASN B 413 0.73 -2.69 -16.16
C ASN B 413 -0.30 -1.85 -16.91
N ALA B 414 -1.07 -2.50 -17.80
CA ALA B 414 -2.09 -1.80 -18.57
C ALA B 414 -3.30 -1.52 -17.68
N ARG B 415 -4.12 -0.55 -18.11
CA ARG B 415 -5.22 0.02 -17.33
C ARG B 415 -6.19 -1.11 -16.95
N GLY B 416 -6.63 -1.12 -15.68
CA GLY B 416 -7.56 -2.14 -15.21
C GLY B 416 -6.88 -3.43 -14.76
N THR B 417 -5.59 -3.35 -14.36
CA THR B 417 -4.98 -4.39 -13.55
C THR B 417 -5.35 -4.18 -12.08
N GLY B 418 -5.44 -2.90 -11.68
CA GLY B 418 -5.72 -2.49 -10.31
C GLY B 418 -4.44 -2.43 -9.46
N GLU B 419 -3.29 -2.34 -10.12
CA GLU B 419 -2.01 -2.46 -9.43
C GLU B 419 -0.90 -2.00 -10.38
N ASP B 420 -0.18 -0.94 -10.01
CA ASP B 420 0.92 -0.45 -10.81
C ASP B 420 0.46 -0.21 -12.25
N ASP B 421 -0.63 0.56 -12.40
CA ASP B 421 -1.20 0.83 -13.69
C ASP B 421 -1.42 2.34 -13.78
N PRO B 422 -1.92 2.89 -14.92
CA PRO B 422 -2.19 4.33 -15.00
C PRO B 422 -3.07 4.83 -13.88
N ASP B 423 -3.96 3.95 -13.36
CA ASP B 423 -4.97 4.40 -12.41
C ASP B 423 -4.32 4.55 -11.04
N THR B 424 -3.48 3.59 -10.63
CA THR B 424 -2.78 3.73 -9.35
C THR B 424 -1.85 4.95 -9.42
N SER B 425 -1.15 5.09 -10.54
CA SER B 425 -0.26 6.22 -10.76
C SER B 425 -1.03 7.54 -10.65
N LYS B 426 -2.13 7.64 -11.40
CA LYS B 426 -2.95 8.84 -11.45
C LYS B 426 -3.48 9.19 -10.07
N ARG B 427 -3.92 8.17 -9.33
CA ARG B 427 -4.49 8.38 -8.00
C ARG B 427 -3.37 8.81 -7.04
N ASP B 428 -2.19 8.19 -7.15
CA ASP B 428 -1.08 8.58 -6.28
C ASP B 428 -0.73 10.07 -6.43
N ILE B 429 -0.58 10.55 -7.67
CA ILE B 429 -0.26 11.94 -7.95
C ILE B 429 -1.39 12.86 -7.44
N MET B 430 -2.64 12.48 -7.73
CA MET B 430 -3.74 13.36 -7.38
C MET B 430 -4.02 13.33 -5.87
N SER B 431 -3.85 12.19 -5.19
CA SER B 431 -3.92 12.17 -3.72
C SER B 431 -2.87 13.14 -3.18
N GLN B 432 -1.61 12.95 -3.61
CA GLN B 432 -0.50 13.76 -3.11
C GLN B 432 -0.83 15.24 -3.37
N GLY B 433 -1.47 15.56 -4.50
CA GLY B 433 -1.71 16.98 -4.75
C GLY B 433 -2.72 17.55 -3.75
N GLN B 434 -3.79 16.77 -3.54
CA GLN B 434 -4.81 17.10 -2.54
C GLN B 434 -4.15 17.25 -1.17
N ARG B 435 -3.38 16.22 -0.76
CA ARG B 435 -2.65 16.30 0.50
C ARG B 435 -1.94 17.63 0.60
N TRP B 436 -1.10 17.91 -0.40
CA TRP B 436 -0.17 19.04 -0.26
C TRP B 436 -0.96 20.34 -0.06
N ILE B 437 -2.12 20.43 -0.73
CA ILE B 437 -2.91 21.66 -0.71
C ILE B 437 -3.57 21.82 0.66
N GLU B 438 -4.15 20.72 1.18
CA GLU B 438 -4.81 20.73 2.47
C GLU B 438 -3.82 21.07 3.58
N LYS B 439 -2.60 20.51 3.54
CA LYS B 439 -1.61 20.82 4.56
C LYS B 439 -1.20 22.28 4.54
N ALA B 440 -1.38 22.98 3.41
CA ALA B 440 -1.05 24.41 3.33
C ALA B 440 -2.26 25.30 3.63
N GLY B 441 -3.44 24.69 3.85
CA GLY B 441 -4.63 25.40 4.33
C GLY B 441 -5.70 25.55 3.25
N GLY B 442 -5.53 24.90 2.09
CA GLY B 442 -6.52 24.92 1.03
C GLY B 442 -7.65 23.94 1.30
N ILE B 443 -8.81 24.20 0.67
CA ILE B 443 -10.02 23.46 0.95
C ILE B 443 -10.49 22.74 -0.32
N VAL B 444 -10.30 21.41 -0.34
CA VAL B 444 -10.62 20.63 -1.52
C VAL B 444 -11.98 19.94 -1.32
N ILE B 445 -12.86 20.11 -2.31
CA ILE B 445 -14.21 19.53 -2.26
C ILE B 445 -14.34 18.48 -3.35
N THR B 446 -14.86 17.30 -2.95
CA THR B 446 -14.92 16.11 -3.78
C THR B 446 -16.38 15.69 -3.94
N GLU B 447 -16.76 15.24 -5.15
CA GLU B 447 -18.10 14.73 -5.44
C GLU B 447 -17.98 13.64 -6.50
N GLY B 448 -17.42 12.48 -6.14
CA GLY B 448 -17.16 11.43 -7.11
C GLY B 448 -16.60 10.16 -6.47
N VAL B 451 -11.09 11.94 -8.16
CA VAL B 451 -10.81 12.45 -6.78
C VAL B 451 -9.33 12.82 -6.66
N GLY B 452 -9.05 13.97 -6.01
CA GLY B 452 -7.71 14.48 -5.82
C GLY B 452 -7.45 15.69 -6.73
N VAL B 453 -6.25 16.29 -6.62
CA VAL B 453 -5.91 17.45 -7.43
C VAL B 453 -4.49 17.28 -7.97
N GLU B 454 -4.33 17.55 -9.29
CA GLU B 454 -3.02 17.60 -9.95
C GLU B 454 -2.37 18.95 -9.73
N VAL B 455 -1.25 18.97 -8.99
CA VAL B 455 -0.41 20.14 -8.85
C VAL B 455 0.82 20.06 -9.75
N SER B 456 0.91 21.03 -10.68
CA SER B 456 2.03 21.14 -11.59
C SER B 456 3.33 21.11 -10.80
N PRO B 457 4.40 20.39 -11.22
CA PRO B 457 5.73 20.61 -10.63
C PRO B 457 6.21 22.07 -10.68
N LEU B 458 5.77 22.84 -11.69
CA LEU B 458 6.21 24.22 -11.82
C LEU B 458 5.66 25.07 -10.67
N ILE B 459 4.65 24.56 -9.95
CA ILE B 459 4.11 25.27 -8.79
C ILE B 459 4.78 24.76 -7.53
N SER B 460 4.81 23.42 -7.37
CA SER B 460 5.38 22.78 -6.18
C SER B 460 6.11 21.49 -6.61
N TYR B 461 7.40 21.45 -6.33
CA TYR B 461 8.26 20.30 -6.55
C TYR B 461 7.91 19.23 -5.52
N GLY B 462 7.80 19.62 -4.24
CA GLY B 462 7.59 18.68 -3.16
C GLY B 462 6.63 19.10 -2.06
N GLY B 463 5.66 19.98 -2.38
CA GLY B 463 4.64 20.45 -1.44
C GLY B 463 4.94 21.86 -0.91
N GLU B 464 6.12 22.42 -1.24
CA GLU B 464 6.43 23.80 -0.88
C GLU B 464 5.67 24.78 -1.78
N GLY B 465 5.68 26.06 -1.37
CA GLY B 465 5.14 27.13 -2.17
C GLY B 465 3.62 27.15 -2.38
N LEU B 466 2.81 26.48 -1.54
CA LEU B 466 1.37 26.45 -1.84
C LEU B 466 0.56 27.40 -0.95
N GLU B 467 1.26 28.23 -0.14
CA GLU B 467 0.63 29.06 0.88
C GLU B 467 -0.35 30.04 0.24
N PHE B 468 -0.18 30.34 -1.06
CA PHE B 468 -1.13 31.17 -1.79
C PHE B 468 -2.50 30.49 -1.92
N LEU B 469 -2.61 29.22 -1.53
CA LEU B 469 -3.86 28.50 -1.62
C LEU B 469 -4.57 28.51 -0.27
N LYS B 470 -3.94 29.15 0.74
CA LYS B 470 -4.33 29.04 2.14
C LYS B 470 -5.67 29.74 2.38
N GLY B 471 -6.75 28.96 2.38
CA GLY B 471 -8.09 29.43 2.66
C GLY B 471 -8.98 29.46 1.42
N ARG B 472 -8.45 29.08 0.25
CA ARG B 472 -9.23 29.09 -0.99
C ARG B 472 -9.85 27.72 -1.19
N GLU B 473 -11.01 27.71 -1.86
CA GLU B 473 -11.74 26.49 -2.12
C GLU B 473 -11.32 25.96 -3.49
N ILE B 474 -11.19 24.63 -3.60
CA ILE B 474 -10.90 23.99 -4.88
C ILE B 474 -11.87 22.83 -5.09
N LYS B 475 -12.45 22.75 -6.30
CA LYS B 475 -13.38 21.66 -6.61
C LYS B 475 -12.63 20.57 -7.37
N ALA B 476 -12.58 19.36 -6.79
CA ALA B 476 -11.86 18.23 -7.37
C ALA B 476 -12.80 17.42 -8.28
N PRO B 477 -12.31 16.76 -9.36
CA PRO B 477 -10.91 16.86 -9.80
C PRO B 477 -10.54 18.26 -10.28
N ALA B 478 -9.25 18.61 -10.15
CA ALA B 478 -8.71 19.93 -10.49
C ALA B 478 -7.24 19.81 -10.91
N PHE B 479 -6.77 20.80 -11.69
CA PHE B 479 -5.39 20.95 -12.11
C PHE B 479 -4.90 22.36 -11.73
N ILE B 480 -3.87 22.44 -10.88
CA ILE B 480 -3.24 23.70 -10.49
C ILE B 480 -1.94 23.83 -11.30
N GLU B 481 -1.83 24.95 -12.07
CA GLU B 481 -0.71 25.28 -12.95
C GLU B 481 -0.43 26.79 -12.88
N LYS B 482 0.68 27.23 -13.50
CA LYS B 482 0.89 28.65 -13.77
C LYS B 482 -0.09 29.10 -14.86
#